data_3O0G
#
_entry.id   3O0G
#
_cell.length_a   117.124
_cell.length_b   117.124
_cell.length_c   155.599
_cell.angle_alpha   90.00
_cell.angle_beta   90.00
_cell.angle_gamma   120.00
#
_symmetry.space_group_name_H-M   'P 32 2 1'
#
loop_
_entity.id
_entity.type
_entity.pdbx_description
1 polymer 'Cell division protein kinase 5'
2 polymer 'Cyclin-dependent kinase 5 activator 1'
3 non-polymer {4-amino-2-[(4-chlorophenyl)amino]-1,3-thiazol-5-yl}(3-nitrophenyl)methanone
4 water water
#
loop_
_entity_poly.entity_id
_entity_poly.type
_entity_poly.pdbx_seq_one_letter_code
_entity_poly.pdbx_strand_id
1 'polypeptide(L)'
;MQKYEKLEKIGEGTYGTVFKAKNRETHEIVALKRVRLDDDDEGVPSSALREICLLKELKHKNIVRLHDVLHSDKKLTLVF
EFCDQDLKKYFDSCNGDLDPEIVKSFLFQLLKGLGFCHSRNVLHRDLKPQNLLINRNGELKLANFGLARAFGIPVRCYSA
EVVTLWYRPPDVLFGAKLYSTSIDMWSAGCIFAELANAGRPLFPGNDVDDQLKRIFRLLGTPTEEQWPSMTKLPDYKPYP
MYPATTSLVNVVPKLNATGRDLLQNLLKCNPVQRISAEEALQHPYFSDFCPP
;
A,B
2 'polypeptide(L)'
;QASTSELLRCLGEFLCRRCYRLKHLSPTDPVLWLRSVDRSLLLQGWQDQGFITPANVVFLYMLCRDVISSEVGSDHELQA
VLLTCLYLSYSYMGNEISYPLKPFLVESCKEAFWDRCLSVINLMSSKMLQINADPHYFTQVFSDLKNES
;
D,E
#
loop_
_chem_comp.id
_chem_comp.type
_chem_comp.name
_chem_comp.formula
3O0 non-polymer {4-amino-2-[(4-chlorophenyl)amino]-1,3-thiazol-5-yl}(3-nitrophenyl)methanone 'C16 H11 Cl N4 O3 S'
#
# COMPACT_ATOMS: atom_id res chain seq x y z
N MET A 1 -16.83 61.74 2.98
CA MET A 1 -15.90 62.48 2.07
C MET A 1 -16.59 63.67 1.40
N GLN A 2 -15.78 64.58 0.87
CA GLN A 2 -16.28 65.73 0.10
C GLN A 2 -16.74 65.34 -1.32
N LYS A 3 -16.01 64.42 -1.96
CA LYS A 3 -16.37 63.96 -3.30
C LYS A 3 -17.63 63.06 -3.32
N TYR A 4 -17.91 62.40 -2.19
CA TYR A 4 -19.01 61.44 -2.12
C TYR A 4 -20.14 61.87 -1.20
N GLU A 5 -21.37 61.68 -1.65
CA GLU A 5 -22.56 61.93 -0.85
C GLU A 5 -23.13 60.59 -0.41
N LYS A 6 -23.26 60.39 0.91
CA LYS A 6 -23.83 59.15 1.47
C LYS A 6 -25.33 59.10 1.23
N LEU A 7 -25.82 57.95 0.81
CA LEU A 7 -27.23 57.76 0.46
C LEU A 7 -27.98 56.98 1.53
N GLU A 8 -27.43 55.82 1.88
CA GLU A 8 -27.97 54.94 2.91
C GLU A 8 -26.83 54.11 3.48
N LYS A 9 -27.04 53.60 4.70
CA LYS A 9 -26.21 52.55 5.27
C LYS A 9 -26.81 51.19 4.89
N ILE A 10 -26.11 50.42 4.06
CA ILE A 10 -26.69 49.22 3.44
C ILE A 10 -25.90 47.96 3.73
N GLY A 11 -24.89 48.07 4.58
CA GLY A 11 -23.88 47.05 4.58
C GLY A 11 -23.39 46.53 5.90
N GLU A 12 -23.51 45.21 6.03
CA GLU A 12 -22.79 44.45 7.03
C GLU A 12 -21.36 44.40 6.50
N GLY A 13 -20.59 45.43 6.80
CA GLY A 13 -19.18 45.37 6.45
C GLY A 13 -18.70 44.09 7.09
N THR A 14 -17.71 43.44 6.51
CA THR A 14 -17.13 42.28 7.20
C THR A 14 -16.32 42.74 8.42
N TYR A 15 -15.67 43.91 8.29
CA TYR A 15 -14.89 44.47 9.40
C TYR A 15 -15.22 45.94 9.65
N GLY A 16 -15.88 46.59 8.70
CA GLY A 16 -16.25 47.98 8.88
C GLY A 16 -17.74 48.23 8.65
N THR A 17 -18.07 49.42 8.15
CA THR A 17 -19.44 49.75 7.80
C THR A 17 -19.61 50.23 6.34
N VAL A 18 -20.53 49.59 5.62
CA VAL A 18 -20.78 49.90 4.20
C VAL A 18 -21.93 50.88 3.97
N PHE A 19 -21.71 51.85 3.07
CA PHE A 19 -22.72 52.83 2.68
C PHE A 19 -22.88 52.87 1.16
N LYS A 20 -24.11 53.11 0.72
CA LYS A 20 -24.37 53.44 -0.67
C LYS A 20 -24.03 54.91 -0.82
N ALA A 21 -23.37 55.27 -1.91
CA ALA A 21 -22.98 56.66 -2.07
C ALA A 21 -22.99 57.09 -3.52
N LYS A 22 -22.97 58.39 -3.71
CA LYS A 22 -22.94 58.99 -5.03
C LYS A 22 -21.68 59.85 -5.15
N ASN A 23 -20.92 59.62 -6.22
CA ASN A 23 -19.79 60.47 -6.58
C ASN A 23 -20.35 61.78 -7.11
N ARG A 24 -20.13 62.89 -6.38
CA ARG A 24 -20.71 64.18 -6.74
C ARG A 24 -20.19 64.71 -8.08
N GLU A 25 -18.98 64.31 -8.45
CA GLU A 25 -18.36 64.79 -9.68
C GLU A 25 -18.91 64.06 -10.91
N THR A 26 -19.02 62.73 -10.83
CA THR A 26 -19.48 61.89 -11.95
C THR A 26 -20.93 61.41 -11.87
N HIS A 27 -21.58 61.66 -10.73
CA HIS A 27 -22.94 61.14 -10.41
C HIS A 27 -23.07 59.61 -10.33
N GLU A 28 -21.95 58.90 -10.36
CA GLU A 28 -21.99 57.45 -10.28
C GLU A 28 -22.31 56.96 -8.85
N ILE A 29 -23.10 55.90 -8.79
CA ILE A 29 -23.40 55.22 -7.54
C ILE A 29 -22.28 54.23 -7.20
N VAL A 30 -21.72 54.36 -6.01
CA VAL A 30 -20.68 53.44 -5.51
C VAL A 30 -21.01 52.90 -4.11
N ALA A 31 -20.23 51.96 -3.64
CA ALA A 31 -20.30 51.50 -2.25
C ALA A 31 -19.04 51.99 -1.52
N LEU A 32 -19.23 52.60 -0.36
CA LEU A 32 -18.12 53.00 0.49
C LEU A 32 -18.05 52.10 1.74
N LYS A 33 -16.90 51.47 1.97
CA LYS A 33 -16.66 50.74 3.23
C LYS A 33 -15.73 51.61 4.11
N ARG A 34 -16.27 52.15 5.21
CA ARG A 34 -15.52 53.06 6.07
C ARG A 34 -14.96 52.34 7.30
N VAL A 35 -13.72 52.69 7.64
CA VAL A 35 -13.01 52.05 8.73
C VAL A 35 -12.47 53.13 9.63
N ARG A 36 -12.87 53.10 10.90
CA ARG A 36 -12.35 54.02 11.90
C ARG A 36 -10.89 53.68 12.17
N LEU A 37 -10.05 54.70 12.25
CA LEU A 37 -8.61 54.52 12.45
C LEU A 37 -8.17 54.88 13.87
N ASP A 38 -9.02 55.65 14.55
CA ASP A 38 -8.81 55.96 15.97
C ASP A 38 -9.61 54.95 16.77
N ASP A 39 -9.29 53.68 16.51
CA ASP A 39 -10.08 52.53 16.94
C ASP A 39 -10.24 52.39 18.45
N ASP A 40 -11.13 51.49 18.80
CA ASP A 40 -11.24 50.92 20.12
C ASP A 40 -11.29 49.39 19.89
N ASP A 41 -11.47 49.01 18.62
CA ASP A 41 -11.39 47.63 18.11
C ASP A 41 -10.06 47.47 17.36
N GLU A 42 -9.01 47.29 18.16
CA GLU A 42 -7.61 47.52 17.77
C GLU A 42 -7.13 47.01 16.40
N GLY A 43 -7.56 45.81 16.02
CA GLY A 43 -7.03 45.14 14.85
C GLY A 43 -7.69 45.34 13.50
N VAL A 44 -8.77 46.11 13.45
CA VAL A 44 -9.55 46.27 12.20
C VAL A 44 -8.73 46.83 11.02
N PRO A 45 -8.01 47.93 11.18
CA PRO A 45 -7.26 48.51 10.05
C PRO A 45 -6.34 47.48 9.38
N SER A 46 -5.77 46.56 10.17
CA SER A 46 -4.92 45.48 9.66
C SER A 46 -5.59 44.62 8.57
N SER A 47 -6.82 44.18 8.81
CA SER A 47 -7.57 43.43 7.82
C SER A 47 -7.89 44.26 6.57
N ALA A 48 -8.25 45.53 6.79
CA ALA A 48 -8.59 46.45 5.72
C ALA A 48 -7.38 46.66 4.79
N LEU A 49 -6.20 46.81 5.40
CA LEU A 49 -4.97 47.04 4.65
C LEU A 49 -4.63 45.83 3.81
N ARG A 50 -4.83 44.63 4.38
CA ARG A 50 -4.66 43.41 3.63
C ARG A 50 -5.65 43.33 2.47
N GLU A 51 -6.91 43.65 2.72
CA GLU A 51 -7.89 43.62 1.61
C GLU A 51 -7.50 44.61 0.50
N ILE A 52 -7.07 45.81 0.86
CA ILE A 52 -6.64 46.78 -0.14
C ILE A 52 -5.46 46.21 -0.98
N CYS A 53 -4.43 45.72 -0.29
CA CYS A 53 -3.28 45.12 -0.96
C CYS A 53 -3.65 44.06 -1.99
N LEU A 54 -4.57 43.19 -1.62
CA LEU A 54 -5.00 42.11 -2.49
C LEU A 54 -5.90 42.60 -3.64
N LEU A 55 -6.90 43.42 -3.32
CA LEU A 55 -7.87 43.86 -4.33
C LEU A 55 -7.24 44.76 -5.41
N LYS A 56 -6.20 45.52 -5.06
CA LYS A 56 -5.40 46.25 -6.04
C LYS A 56 -4.83 45.35 -7.14
N GLU A 57 -4.58 44.09 -6.80
CA GLU A 57 -3.98 43.13 -7.72
C GLU A 57 -5.00 42.13 -8.29
N LEU A 58 -6.27 42.35 -8.01
CA LEU A 58 -7.27 41.41 -8.45
C LEU A 58 -8.35 42.16 -9.23
N LYS A 59 -8.07 42.45 -10.49
CA LYS A 59 -9.02 43.16 -11.31
C LYS A 59 -9.64 42.17 -12.32
N HIS A 60 -10.87 41.79 -12.06
CA HIS A 60 -11.57 40.84 -12.91
C HIS A 60 -13.07 41.13 -12.78
N LYS A 61 -13.83 40.92 -13.86
CA LYS A 61 -15.28 41.18 -13.81
C LYS A 61 -16.03 40.46 -12.68
N ASN A 62 -15.51 39.33 -12.22
CA ASN A 62 -16.22 38.56 -11.20
C ASN A 62 -15.60 38.66 -9.79
N ILE A 63 -14.79 39.69 -9.59
CA ILE A 63 -14.27 40.02 -8.26
C ILE A 63 -14.67 41.46 -8.02
N VAL A 64 -15.19 41.74 -6.82
CA VAL A 64 -15.65 43.09 -6.49
C VAL A 64 -14.52 44.08 -6.76
N ARG A 65 -14.85 45.18 -7.41
CA ARG A 65 -13.83 46.12 -7.83
C ARG A 65 -13.59 47.21 -6.78
N LEU A 66 -12.37 47.27 -6.28
CA LEU A 66 -11.93 48.42 -5.49
C LEU A 66 -11.52 49.56 -6.44
N HIS A 67 -12.22 50.69 -6.38
CA HIS A 67 -11.94 51.81 -7.27
C HIS A 67 -10.90 52.76 -6.68
N ASP A 68 -10.94 52.97 -5.37
CA ASP A 68 -10.12 53.99 -4.72
C ASP A 68 -10.07 53.75 -3.21
N VAL A 69 -9.12 54.40 -2.56
CA VAL A 69 -9.03 54.39 -1.10
C VAL A 69 -8.78 55.79 -0.66
N LEU A 70 -9.60 56.24 0.29
CA LEU A 70 -9.49 57.58 0.80
C LEU A 70 -9.09 57.56 2.27
N HIS A 71 -8.31 58.55 2.65
CA HIS A 71 -7.89 58.69 4.02
C HIS A 71 -8.14 60.14 4.43
N SER A 72 -9.15 60.34 5.27
CA SER A 72 -9.54 61.67 5.75
C SER A 72 -10.27 61.49 7.08
N ASP A 73 -10.28 62.53 7.90
CA ASP A 73 -10.73 62.41 9.28
C ASP A 73 -9.77 61.46 10.01
N LYS A 74 -10.34 60.50 10.71
CA LYS A 74 -9.61 59.42 11.35
C LYS A 74 -10.28 58.20 10.76
N LYS A 75 -10.41 58.25 9.44
CA LYS A 75 -11.15 57.23 8.71
C LYS A 75 -10.46 56.80 7.41
N LEU A 76 -10.48 55.49 7.20
CA LEU A 76 -10.07 54.88 5.94
C LEU A 76 -11.34 54.49 5.18
N THR A 77 -11.53 55.04 3.98
CA THR A 77 -12.68 54.65 3.17
C THR A 77 -12.29 53.92 1.89
N LEU A 78 -12.79 52.71 1.73
CA LEU A 78 -12.58 51.97 0.50
C LEU A 78 -13.77 52.23 -0.40
N VAL A 79 -13.50 52.69 -1.62
CA VAL A 79 -14.55 52.93 -2.62
C VAL A 79 -14.65 51.71 -3.55
N PHE A 80 -15.81 51.06 -3.54
CA PHE A 80 -16.06 49.85 -4.32
C PHE A 80 -17.18 50.07 -5.32
N GLU A 81 -17.21 49.27 -6.39
CA GLU A 81 -18.38 49.23 -7.28
C GLU A 81 -19.60 48.90 -6.41
N PHE A 82 -20.76 49.40 -6.81
CA PHE A 82 -21.97 49.12 -6.03
C PHE A 82 -22.71 47.92 -6.62
N CYS A 83 -23.11 46.99 -5.74
CA CYS A 83 -23.92 45.86 -6.14
C CYS A 83 -25.21 45.88 -5.33
N ASP A 84 -26.30 45.54 -6.00
CA ASP A 84 -27.62 45.66 -5.42
C ASP A 84 -27.90 44.70 -4.27
N GLN A 85 -27.30 43.51 -4.29
CA GLN A 85 -27.54 42.55 -3.22
C GLN A 85 -26.54 41.44 -3.15
N ASP A 86 -26.59 40.65 -2.09
CA ASP A 86 -25.74 39.48 -2.01
C ASP A 86 -26.61 38.25 -2.25
N LEU A 87 -25.95 37.10 -2.41
CA LEU A 87 -26.63 35.86 -2.78
C LEU A 87 -27.59 35.41 -1.69
N LYS A 88 -27.21 35.67 -0.44
CA LYS A 88 -28.04 35.32 0.69
C LYS A 88 -29.38 36.05 0.60
N LYS A 89 -29.34 37.37 0.36
CA LYS A 89 -30.56 38.15 0.21
C LYS A 89 -31.32 37.75 -1.07
N TYR A 90 -30.57 37.44 -2.12
CA TYR A 90 -31.17 37.03 -3.39
C TYR A 90 -32.01 35.78 -3.17
N PHE A 91 -31.49 34.82 -2.40
CA PHE A 91 -32.27 33.62 -2.05
C PHE A 91 -33.61 33.99 -1.38
N ASP A 92 -33.56 34.93 -0.45
CA ASP A 92 -34.81 35.38 0.21
C ASP A 92 -35.77 36.02 -0.79
N SER A 93 -35.22 36.76 -1.75
CA SER A 93 -36.03 37.46 -2.77
C SER A 93 -36.78 36.51 -3.72
N CYS A 94 -36.19 35.35 -4.00
CA CYS A 94 -36.79 34.42 -4.97
C CYS A 94 -37.26 33.11 -4.34
N ASN A 95 -37.53 33.16 -3.04
CA ASN A 95 -38.06 32.00 -2.35
C ASN A 95 -37.10 30.80 -2.47
N GLY A 96 -35.81 31.07 -2.53
CA GLY A 96 -34.78 30.05 -2.72
C GLY A 96 -34.84 29.27 -4.03
N ASP A 97 -35.56 29.79 -5.01
CA ASP A 97 -35.94 28.99 -6.17
C ASP A 97 -35.36 29.60 -7.45
N LEU A 98 -34.13 29.21 -7.78
CA LEU A 98 -33.46 29.74 -8.98
C LEU A 98 -33.75 28.87 -10.19
N ASP A 99 -33.93 29.50 -11.34
CA ASP A 99 -33.96 28.76 -12.61
C ASP A 99 -32.61 28.08 -12.82
N PRO A 100 -32.61 26.84 -13.32
CA PRO A 100 -31.36 26.13 -13.58
C PRO A 100 -30.35 26.91 -14.47
N GLU A 101 -30.82 27.79 -15.34
CA GLU A 101 -29.89 28.58 -16.14
C GLU A 101 -29.18 29.64 -15.27
N ILE A 102 -29.87 30.14 -14.26
CA ILE A 102 -29.29 31.11 -13.33
C ILE A 102 -28.35 30.41 -12.34
N VAL A 103 -28.72 29.20 -11.91
CA VAL A 103 -27.79 28.36 -11.13
C VAL A 103 -26.46 28.22 -11.88
N LYS A 104 -26.56 27.86 -13.15
CA LYS A 104 -25.38 27.67 -14.01
C LYS A 104 -24.59 28.96 -14.17
N SER A 105 -25.30 30.06 -14.45
CA SER A 105 -24.65 31.36 -14.64
C SER A 105 -23.93 31.76 -13.38
N PHE A 106 -24.59 31.63 -12.23
CA PHE A 106 -23.97 32.00 -10.96
C PHE A 106 -22.73 31.15 -10.66
N LEU A 107 -22.81 29.84 -10.87
CA LEU A 107 -21.63 29.00 -10.61
C LEU A 107 -20.49 29.35 -11.56
N PHE A 108 -20.82 29.55 -12.83
CA PHE A 108 -19.82 29.88 -13.84
C PHE A 108 -19.07 31.15 -13.42
N GLN A 109 -19.81 32.18 -13.07
CA GLN A 109 -19.20 33.45 -12.70
C GLN A 109 -18.37 33.30 -11.43
N LEU A 110 -18.88 32.55 -10.46
CA LEU A 110 -18.10 32.29 -9.24
C LEU A 110 -16.77 31.64 -9.58
N LEU A 111 -16.82 30.62 -10.43
CA LEU A 111 -15.61 29.90 -10.78
C LEU A 111 -14.63 30.74 -11.59
N LYS A 112 -15.15 31.61 -12.46
CA LYS A 112 -14.27 32.50 -13.20
C LYS A 112 -13.52 33.43 -12.24
N GLY A 113 -14.24 34.02 -11.29
CA GLY A 113 -13.62 34.92 -10.32
C GLY A 113 -12.62 34.20 -9.41
N LEU A 114 -13.06 33.05 -8.93
CA LEU A 114 -12.21 32.21 -8.09
C LEU A 114 -10.98 31.70 -8.84
N GLY A 115 -11.18 31.20 -10.06
CA GLY A 115 -10.08 30.81 -10.92
C GLY A 115 -9.06 31.92 -11.14
N PHE A 116 -9.56 33.14 -11.33
CA PHE A 116 -8.69 34.29 -11.44
C PHE A 116 -7.87 34.50 -10.16
N CYS A 117 -8.54 34.50 -9.01
CA CYS A 117 -7.82 34.61 -7.71
C CYS A 117 -6.72 33.58 -7.57
N HIS A 118 -7.09 32.32 -7.76
CA HIS A 118 -6.12 31.21 -7.63
C HIS A 118 -4.93 31.35 -8.60
N SER A 119 -5.22 31.75 -9.84
CA SER A 119 -4.15 31.96 -10.84
C SER A 119 -3.20 33.10 -10.46
N ARG A 120 -3.67 33.98 -9.58
CA ARG A 120 -2.89 35.13 -9.09
C ARG A 120 -2.27 34.84 -7.73
N ASN A 121 -2.37 33.58 -7.29
CA ASN A 121 -1.85 33.11 -6.01
C ASN A 121 -2.52 33.75 -4.80
N VAL A 122 -3.84 33.82 -4.82
CA VAL A 122 -4.61 34.31 -3.68
C VAL A 122 -5.70 33.30 -3.36
N LEU A 123 -5.79 32.95 -2.08
CA LEU A 123 -6.88 32.14 -1.52
C LEU A 123 -7.90 33.08 -0.90
N HIS A 124 -9.19 32.84 -1.15
CA HIS A 124 -10.23 33.70 -0.60
C HIS A 124 -10.52 33.35 0.87
N ARG A 125 -10.77 32.07 1.13
CA ARG A 125 -10.93 31.49 2.48
C ARG A 125 -12.17 31.91 3.26
N ASP A 126 -13.13 32.55 2.60
CA ASP A 126 -14.41 32.85 3.25
C ASP A 126 -15.55 32.81 2.25
N LEU A 127 -15.52 31.82 1.37
CA LEU A 127 -16.52 31.73 0.31
C LEU A 127 -17.86 31.25 0.91
N LYS A 128 -18.87 32.11 0.86
CA LYS A 128 -20.22 31.80 1.33
C LYS A 128 -21.18 32.79 0.65
N PRO A 129 -22.48 32.50 0.63
CA PRO A 129 -23.44 33.34 -0.11
C PRO A 129 -23.41 34.82 0.24
N GLN A 130 -23.19 35.18 1.49
CA GLN A 130 -23.19 36.62 1.86
C GLN A 130 -21.97 37.36 1.28
N ASN A 131 -20.93 36.62 0.89
CA ASN A 131 -19.73 37.22 0.29
C ASN A 131 -19.74 37.18 -1.23
N LEU A 132 -20.89 36.81 -1.77
CA LEU A 132 -21.11 36.83 -3.20
C LEU A 132 -22.13 37.92 -3.54
N LEU A 133 -21.69 38.91 -4.31
CA LEU A 133 -22.54 40.05 -4.67
C LEU A 133 -23.17 39.84 -6.04
N ILE A 134 -24.43 40.24 -6.18
CA ILE A 134 -25.12 40.11 -7.46
C ILE A 134 -25.68 41.44 -7.94
N ASN A 135 -25.43 41.73 -9.21
CA ASN A 135 -25.98 42.89 -9.92
C ASN A 135 -27.37 42.72 -10.46
N ARG A 136 -28.02 43.84 -10.78
CA ARG A 136 -29.27 43.76 -11.51
C ARG A 136 -29.05 43.34 -12.97
N ASN A 137 -27.79 43.39 -13.42
CA ASN A 137 -27.43 42.83 -14.72
C ASN A 137 -27.21 41.32 -14.65
N GLY A 138 -27.31 40.74 -13.45
CA GLY A 138 -27.12 39.31 -13.27
C GLY A 138 -25.66 38.92 -13.13
N GLU A 139 -24.81 39.91 -12.89
CA GLU A 139 -23.38 39.68 -12.74
C GLU A 139 -23.04 39.37 -11.28
N LEU A 140 -22.26 38.32 -11.07
CA LEU A 140 -21.88 37.89 -9.72
C LEU A 140 -20.41 38.22 -9.46
N LYS A 141 -20.15 38.77 -8.26
CA LYS A 141 -18.80 39.12 -7.86
C LYS A 141 -18.43 38.55 -6.50
N LEU A 142 -17.25 37.94 -6.46
CA LEU A 142 -16.68 37.49 -5.20
C LEU A 142 -16.27 38.74 -4.41
N ALA A 143 -16.63 38.77 -3.14
CA ALA A 143 -16.30 39.94 -2.31
C ALA A 143 -15.79 39.55 -0.94
N ASN A 144 -15.40 40.59 -0.20
CA ASN A 144 -15.02 40.49 1.21
C ASN A 144 -13.82 39.60 1.40
N PHE A 145 -12.68 40.18 1.05
CA PHE A 145 -11.40 39.51 1.03
C PHE A 145 -10.60 39.71 2.31
N GLY A 146 -11.29 39.95 3.41
CA GLY A 146 -10.62 40.27 4.68
C GLY A 146 -9.98 39.06 5.34
N LEU A 147 -10.35 37.86 4.88
CA LEU A 147 -9.77 36.60 5.36
C LEU A 147 -8.84 35.99 4.31
N ALA A 148 -8.72 36.66 3.17
CA ALA A 148 -7.93 36.16 2.04
C ALA A 148 -6.43 36.28 2.30
N ARG A 149 -5.63 35.52 1.56
CA ARG A 149 -4.19 35.70 1.65
C ARG A 149 -3.49 35.24 0.38
N ALA A 150 -2.38 35.91 0.08
CA ALA A 150 -1.43 35.42 -0.92
C ALA A 150 -0.83 34.13 -0.40
N PHE A 151 -0.52 33.21 -1.32
CA PHE A 151 0.15 31.94 -0.98
C PHE A 151 1.30 31.68 -1.95
N GLY A 152 2.29 30.93 -1.52
CA GLY A 152 3.42 30.58 -2.35
C GLY A 152 4.77 30.61 -1.66
N ILE A 153 4.96 31.54 -0.72
CA ILE A 153 6.22 31.61 0.04
C ILE A 153 6.28 30.44 1.04
N PRO A 154 7.47 29.91 1.32
CA PRO A 154 7.62 28.80 2.28
C PRO A 154 7.15 29.22 3.67
N VAL A 155 6.04 28.64 4.14
CA VAL A 155 5.50 28.94 5.46
C VAL A 155 5.42 27.65 6.27
N ARG A 156 5.63 27.75 7.58
CA ARG A 156 5.50 26.60 8.48
C ARG A 156 4.07 26.09 8.51
N CYS A 157 3.11 27.01 8.45
CA CYS A 157 1.69 26.67 8.53
C CYS A 157 0.81 27.86 8.14
N TYR A 158 -0.45 27.57 7.86
CA TYR A 158 -1.48 28.59 7.78
C TYR A 158 -2.37 28.36 8.97
N SER A 159 -3.38 29.22 9.13
CA SER A 159 -4.40 29.00 10.14
C SER A 159 -5.38 27.95 9.67
N ALA A 160 -5.78 27.04 10.57
CA ALA A 160 -6.89 26.12 10.27
C ALA A 160 -8.21 26.72 10.71
N GLU A 161 -8.14 27.88 11.35
CA GLU A 161 -9.37 28.58 11.75
C GLU A 161 -9.78 29.57 10.69
N VAL A 162 -10.01 29.04 9.50
CA VAL A 162 -10.42 29.82 8.36
C VAL A 162 -11.62 29.13 7.78
N VAL A 163 -12.40 29.92 7.04
CA VAL A 163 -13.69 29.53 6.48
C VAL A 163 -14.76 29.38 7.54
N THR A 164 -15.87 30.06 7.32
CA THR A 164 -17.07 29.93 8.14
C THR A 164 -17.39 28.41 8.20
N LEU A 165 -17.71 27.90 9.39
CA LEU A 165 -17.78 26.45 9.65
C LEU A 165 -18.51 25.62 8.57
N TRP A 166 -19.70 26.09 8.19
CA TRP A 166 -20.56 25.35 7.26
C TRP A 166 -19.94 25.18 5.88
N TYR A 167 -18.94 26.02 5.56
CA TYR A 167 -18.29 26.01 4.25
C TYR A 167 -16.85 25.48 4.30
N ARG A 168 -16.45 24.98 5.45
CA ARG A 168 -15.06 24.57 5.68
C ARG A 168 -14.88 23.10 5.28
N PRO A 169 -13.80 22.79 4.55
CA PRO A 169 -13.58 21.40 4.11
C PRO A 169 -13.07 20.45 5.20
N PRO A 170 -13.26 19.15 5.01
CA PRO A 170 -12.87 18.18 6.02
C PRO A 170 -11.38 18.14 6.39
N ASP A 171 -10.47 18.42 5.47
CA ASP A 171 -9.06 18.41 5.84
C ASP A 171 -8.79 19.52 6.87
N VAL A 172 -9.39 20.68 6.63
CA VAL A 172 -9.25 21.83 7.55
C VAL A 172 -9.99 21.58 8.86
N LEU A 173 -11.15 20.93 8.78
CA LEU A 173 -11.85 20.50 10.00
C LEU A 173 -11.03 19.51 10.82
N PHE A 174 -10.16 18.75 10.14
CA PHE A 174 -9.23 17.84 10.81
C PHE A 174 -7.91 18.52 11.17
N GLY A 175 -7.85 19.86 11.03
CA GLY A 175 -6.74 20.65 11.51
C GLY A 175 -5.52 20.74 10.60
N ALA A 176 -5.72 20.48 9.31
CA ALA A 176 -4.63 20.57 8.35
C ALA A 176 -4.11 22.00 8.39
N LYS A 177 -2.79 22.14 8.50
CA LYS A 177 -2.17 23.47 8.63
C LYS A 177 -1.66 23.97 7.28
N LEU A 178 -1.61 23.04 6.32
CA LEU A 178 -1.26 23.37 4.95
C LEU A 178 -2.44 22.95 4.10
N TYR A 179 -2.85 23.88 3.26
CA TYR A 179 -3.88 23.65 2.25
C TYR A 179 -3.55 24.61 1.10
N SER A 180 -4.18 24.34 -0.04
CA SER A 180 -3.93 25.06 -1.27
C SER A 180 -5.21 25.74 -1.73
N THR A 181 -5.29 26.02 -3.02
CA THR A 181 -6.50 26.52 -3.65
C THR A 181 -7.69 25.61 -3.42
N SER A 182 -7.44 24.34 -3.11
CA SER A 182 -8.51 23.38 -2.88
C SER A 182 -9.47 23.82 -1.79
N ILE A 183 -9.00 24.60 -0.83
CA ILE A 183 -9.88 25.06 0.25
C ILE A 183 -11.14 25.78 -0.24
N ASP A 184 -10.97 26.69 -1.20
CA ASP A 184 -12.07 27.45 -1.77
C ASP A 184 -12.95 26.57 -2.66
N MET A 185 -12.37 25.52 -3.25
CA MET A 185 -13.15 24.68 -4.16
C MET A 185 -14.22 23.90 -3.42
N TRP A 186 -13.90 23.45 -2.21
CA TRP A 186 -14.91 22.83 -1.35
C TRP A 186 -16.03 23.81 -1.07
N SER A 187 -15.68 25.04 -0.66
CA SER A 187 -16.71 26.04 -0.37
C SER A 187 -17.59 26.31 -1.61
N ALA A 188 -16.99 26.31 -2.80
CA ALA A 188 -17.73 26.52 -4.04
C ALA A 188 -18.76 25.39 -4.23
N GLY A 189 -18.35 24.16 -3.94
CA GLY A 189 -19.26 23.01 -3.98
C GLY A 189 -20.42 23.18 -3.02
N CYS A 190 -20.15 23.60 -1.79
CA CYS A 190 -21.22 23.92 -0.85
C CYS A 190 -22.23 24.95 -1.42
N ILE A 191 -21.71 26.01 -2.02
CA ILE A 191 -22.58 27.08 -2.56
C ILE A 191 -23.37 26.51 -3.72
N PHE A 192 -22.69 25.73 -4.57
CA PHE A 192 -23.36 25.08 -5.70
C PHE A 192 -24.61 24.31 -5.24
N ALA A 193 -24.48 23.54 -4.16
CA ALA A 193 -25.62 22.77 -3.65
C ALA A 193 -26.78 23.66 -3.21
N GLU A 194 -26.47 24.81 -2.61
CA GLU A 194 -27.54 25.74 -2.20
C GLU A 194 -28.26 26.32 -3.41
N LEU A 195 -27.48 26.72 -4.42
CA LEU A 195 -27.99 27.22 -5.68
C LEU A 195 -28.98 26.22 -6.30
N ALA A 196 -28.58 24.95 -6.28
CA ALA A 196 -29.28 23.86 -7.00
C ALA A 196 -30.38 23.16 -6.19
N ASN A 197 -30.67 23.67 -5.00
CA ASN A 197 -31.81 23.18 -4.23
C ASN A 197 -32.72 24.35 -3.84
N ALA A 198 -32.62 24.82 -2.61
CA ALA A 198 -33.57 25.83 -2.13
C ALA A 198 -32.85 26.92 -1.35
N GLY A 199 -31.55 27.06 -1.62
CA GLY A 199 -30.79 28.16 -1.08
C GLY A 199 -30.50 28.04 0.44
N ARG A 200 -30.46 26.80 0.94
CA ARG A 200 -30.16 26.54 2.35
C ARG A 200 -28.84 25.80 2.43
N PRO A 201 -28.00 26.13 3.42
CA PRO A 201 -26.72 25.43 3.62
C PRO A 201 -26.88 23.90 3.59
N LEU A 202 -25.98 23.26 2.85
CA LEU A 202 -25.98 21.80 2.74
C LEU A 202 -25.54 21.15 4.06
N PHE A 203 -24.57 21.76 4.73
CA PHE A 203 -23.96 21.15 5.91
C PHE A 203 -23.94 22.17 7.08
N PRO A 204 -25.10 22.44 7.70
CA PRO A 204 -25.16 23.41 8.80
C PRO A 204 -24.79 22.80 10.16
N GLY A 205 -23.53 22.42 10.32
CA GLY A 205 -23.05 21.85 11.57
C GLY A 205 -23.05 22.80 12.76
N ASN A 206 -23.23 22.23 13.95
CA ASN A 206 -23.29 23.00 15.20
C ASN A 206 -21.90 23.28 15.76
N ASP A 207 -20.95 22.44 15.41
CA ASP A 207 -19.56 22.57 15.86
C ASP A 207 -18.71 21.72 14.90
N VAL A 208 -17.41 21.62 15.13
CA VAL A 208 -16.55 20.92 14.17
C VAL A 208 -16.94 19.44 14.01
N ASP A 209 -17.29 18.79 15.12
CA ASP A 209 -17.64 17.38 15.10
C ASP A 209 -18.90 17.12 14.29
N ASP A 210 -19.94 17.89 14.59
CA ASP A 210 -21.18 17.85 13.83
C ASP A 210 -20.94 18.14 12.37
N GLN A 211 -20.05 19.09 12.10
CA GLN A 211 -19.77 19.47 10.71
C GLN A 211 -19.25 18.26 9.89
N LEU A 212 -18.24 17.58 10.46
CA LEU A 212 -17.63 16.40 9.81
C LEU A 212 -18.65 15.27 9.65
N LYS A 213 -19.47 15.05 10.68
CA LYS A 213 -20.54 14.05 10.59
C LYS A 213 -21.54 14.30 9.47
N ARG A 214 -22.03 15.53 9.36
CA ARG A 214 -22.93 15.88 8.26
C ARG A 214 -22.31 15.66 6.91
N ILE A 215 -21.02 15.99 6.77
CA ILE A 215 -20.34 15.82 5.50
C ILE A 215 -20.23 14.33 5.14
N PHE A 216 -19.78 13.53 6.10
CA PHE A 216 -19.51 12.12 5.82
C PHE A 216 -20.83 11.35 5.70
N ARG A 217 -21.83 11.77 6.45
CA ARG A 217 -23.15 11.15 6.41
C ARG A 217 -23.71 11.21 4.99
N LEU A 218 -23.52 12.35 4.33
CA LEU A 218 -23.98 12.50 2.95
C LEU A 218 -23.06 11.86 1.90
N LEU A 219 -21.77 12.12 2.00
CA LEU A 219 -20.87 11.78 0.90
C LEU A 219 -20.21 10.43 1.07
N GLY A 220 -20.33 9.86 2.27
CA GLY A 220 -19.54 8.71 2.64
C GLY A 220 -18.26 9.12 3.37
N THR A 221 -17.83 8.27 4.30
CA THR A 221 -16.56 8.49 4.96
C THR A 221 -15.42 8.02 4.06
N PRO A 222 -14.39 8.86 3.88
CA PRO A 222 -13.23 8.46 3.09
C PRO A 222 -12.49 7.28 3.71
N THR A 223 -11.99 6.36 2.87
CA THR A 223 -11.18 5.25 3.33
C THR A 223 -9.72 5.67 3.24
N GLU A 224 -8.85 4.88 3.89
CA GLU A 224 -7.40 5.09 3.81
C GLU A 224 -6.89 5.09 2.37
N GLU A 225 -7.49 4.27 1.53
CA GLU A 225 -7.11 4.21 0.13
C GLU A 225 -7.48 5.48 -0.66
N GLN A 226 -8.62 6.09 -0.32
CA GLN A 226 -9.01 7.31 -0.99
C GLN A 226 -8.27 8.52 -0.43
N TRP A 227 -7.82 8.43 0.82
CA TRP A 227 -7.24 9.59 1.51
C TRP A 227 -6.24 9.12 2.56
N PRO A 228 -5.07 8.67 2.10
CA PRO A 228 -4.07 8.01 2.96
C PRO A 228 -3.58 8.87 4.12
N SER A 229 -3.52 10.18 3.94
CA SER A 229 -2.97 11.05 4.97
C SER A 229 -4.02 11.48 6.00
N MET A 230 -5.28 11.14 5.75
CA MET A 230 -6.40 11.56 6.62
C MET A 230 -6.16 11.29 8.10
N THR A 231 -5.77 10.06 8.43
CA THR A 231 -5.61 9.65 9.83
C THR A 231 -4.38 10.27 10.49
N LYS A 232 -3.59 10.98 9.72
CA LYS A 232 -2.35 11.57 10.21
C LYS A 232 -2.51 13.06 10.49
N LEU A 233 -3.67 13.60 10.15
CA LEU A 233 -3.94 15.02 10.35
C LEU A 233 -3.97 15.35 11.86
N PRO A 234 -3.57 16.57 12.22
CA PRO A 234 -3.36 16.94 13.64
C PRO A 234 -4.60 16.78 14.53
N ASP A 235 -5.79 17.07 14.02
CA ASP A 235 -7.02 16.92 14.83
C ASP A 235 -7.90 15.76 14.34
N TYR A 236 -7.27 14.78 13.69
CA TYR A 236 -8.01 13.58 13.28
C TYR A 236 -8.55 12.83 14.50
N LYS A 237 -9.78 12.36 14.37
CA LYS A 237 -10.29 11.31 15.25
C LYS A 237 -11.21 10.39 14.44
N PRO A 238 -11.35 9.14 14.87
CA PRO A 238 -12.20 8.17 14.16
C PRO A 238 -13.67 8.58 14.07
N TYR A 239 -14.18 8.53 12.84
CA TYR A 239 -15.58 8.73 12.53
C TYR A 239 -16.19 7.41 12.08
N PRO A 240 -17.51 7.27 12.23
CA PRO A 240 -18.20 6.11 11.65
C PRO A 240 -17.93 6.08 10.15
N MET A 241 -17.97 4.89 9.57
CA MET A 241 -17.88 4.75 8.13
C MET A 241 -19.30 4.81 7.58
N TYR A 242 -19.68 5.95 7.04
CA TYR A 242 -20.97 6.11 6.38
C TYR A 242 -20.79 5.70 4.92
N PRO A 243 -21.79 5.06 4.33
CA PRO A 243 -21.64 4.51 2.96
C PRO A 243 -21.54 5.61 1.89
N ALA A 244 -20.79 5.32 0.84
CA ALA A 244 -20.65 6.22 -0.30
C ALA A 244 -21.78 6.06 -1.31
N THR A 245 -22.87 5.44 -0.88
CA THR A 245 -23.95 4.99 -1.75
C THR A 245 -25.18 5.90 -1.71
N THR A 246 -25.12 6.98 -0.93
CA THR A 246 -26.29 7.82 -0.75
C THR A 246 -26.46 8.75 -1.97
N SER A 247 -27.64 8.69 -2.57
CA SER A 247 -27.93 9.45 -3.79
C SER A 247 -28.02 10.95 -3.48
N LEU A 248 -27.47 11.78 -4.38
CA LEU A 248 -27.58 13.25 -4.20
C LEU A 248 -28.72 13.83 -5.01
N VAL A 249 -29.41 12.97 -5.75
CA VAL A 249 -30.47 13.36 -6.68
C VAL A 249 -31.45 14.34 -6.01
N ASN A 250 -31.88 14.02 -4.79
CA ASN A 250 -32.87 14.86 -4.12
C ASN A 250 -32.25 16.00 -3.30
N VAL A 251 -30.94 15.97 -3.15
CA VAL A 251 -30.20 17.02 -2.46
C VAL A 251 -30.03 18.22 -3.37
N VAL A 252 -29.92 17.96 -4.67
CA VAL A 252 -29.77 19.02 -5.66
C VAL A 252 -30.71 18.78 -6.85
N PRO A 253 -32.02 18.94 -6.64
CA PRO A 253 -33.02 18.61 -7.68
C PRO A 253 -32.94 19.44 -8.99
N LYS A 254 -32.27 20.59 -8.97
CA LYS A 254 -32.16 21.45 -10.16
C LYS A 254 -31.12 20.90 -11.14
N LEU A 255 -30.31 19.95 -10.67
CA LEU A 255 -29.21 19.40 -11.44
C LEU A 255 -29.54 18.06 -12.08
N ASN A 256 -29.02 17.93 -13.29
CA ASN A 256 -28.90 16.73 -14.07
C ASN A 256 -27.71 15.87 -13.58
N ALA A 257 -27.49 14.69 -14.20
CA ALA A 257 -26.28 13.90 -13.90
C ALA A 257 -24.98 14.70 -14.13
N THR A 258 -24.94 15.49 -15.19
CA THR A 258 -23.79 16.35 -15.46
C THR A 258 -23.50 17.30 -14.30
N GLY A 259 -24.52 18.02 -13.84
CA GLY A 259 -24.33 18.93 -12.71
C GLY A 259 -23.94 18.19 -11.43
N ARG A 260 -24.55 17.03 -11.19
CA ARG A 260 -24.26 16.25 -9.98
C ARG A 260 -22.79 15.79 -10.01
N ASP A 261 -22.30 15.46 -11.21
CA ASP A 261 -20.91 15.05 -11.37
C ASP A 261 -19.95 16.20 -11.02
N LEU A 262 -20.22 17.39 -11.52
CA LEU A 262 -19.40 18.56 -11.13
C LEU A 262 -19.46 18.78 -9.61
N LEU A 263 -20.67 18.72 -9.04
CA LEU A 263 -20.82 18.92 -7.60
C LEU A 263 -19.91 17.95 -6.81
N GLN A 264 -19.89 16.70 -7.23
CA GLN A 264 -19.09 15.70 -6.53
C GLN A 264 -17.59 15.91 -6.70
N ASN A 265 -17.18 16.52 -7.82
CA ASN A 265 -15.77 16.85 -8.04
C ASN A 265 -15.28 18.01 -7.17
N LEU A 266 -16.21 18.90 -6.83
CA LEU A 266 -15.91 20.00 -5.92
C LEU A 266 -15.90 19.47 -4.48
N LEU A 267 -16.87 18.61 -4.15
CA LEU A 267 -17.01 18.05 -2.81
C LEU A 267 -16.28 16.73 -2.61
N LYS A 268 -15.01 16.70 -2.99
CA LYS A 268 -14.13 15.61 -2.66
C LYS A 268 -13.50 15.92 -1.32
N CYS A 269 -13.58 14.97 -0.39
CA CYS A 269 -13.02 15.16 0.95
C CYS A 269 -11.48 15.35 0.94
N ASN A 270 -10.79 14.47 0.21
CA ASN A 270 -9.34 14.55 0.04
C ASN A 270 -9.06 15.77 -0.85
N PRO A 271 -8.36 16.79 -0.32
CA PRO A 271 -8.17 18.04 -1.05
C PRO A 271 -7.43 17.85 -2.38
N VAL A 272 -6.50 16.89 -2.42
CA VAL A 272 -5.76 16.57 -3.63
C VAL A 272 -6.69 16.14 -4.76
N GLN A 273 -7.84 15.56 -4.42
CA GLN A 273 -8.77 15.03 -5.42
C GLN A 273 -9.78 16.07 -5.91
N ARG A 274 -9.80 17.26 -5.30
CA ARG A 274 -10.81 18.27 -5.60
C ARG A 274 -10.50 18.97 -6.89
N ILE A 275 -11.52 19.15 -7.72
CA ILE A 275 -11.32 19.78 -9.03
C ILE A 275 -10.83 21.22 -8.84
N SER A 276 -9.97 21.70 -9.73
CA SER A 276 -9.55 23.11 -9.69
C SER A 276 -10.61 23.96 -10.36
N ALA A 277 -10.56 25.27 -10.10
CA ALA A 277 -11.50 26.19 -10.76
C ALA A 277 -11.33 26.14 -12.29
N GLU A 278 -10.08 26.12 -12.76
CA GLU A 278 -9.78 26.04 -14.20
C GLU A 278 -10.40 24.78 -14.84
N GLU A 279 -10.27 23.63 -14.16
CA GLU A 279 -10.81 22.36 -14.64
C GLU A 279 -12.34 22.38 -14.59
N ALA A 280 -12.89 22.97 -13.53
CA ALA A 280 -14.33 23.05 -13.39
C ALA A 280 -14.95 23.83 -14.56
N LEU A 281 -14.28 24.89 -15.01
CA LEU A 281 -14.82 25.72 -16.09
C LEU A 281 -14.84 24.98 -17.43
N GLN A 282 -14.04 23.92 -17.52
CA GLN A 282 -14.02 23.07 -18.71
C GLN A 282 -14.95 21.87 -18.58
N HIS A 283 -15.63 21.73 -17.45
CA HIS A 283 -16.56 20.60 -17.22
C HIS A 283 -17.74 20.68 -18.20
N PRO A 284 -18.27 19.55 -18.69
CA PRO A 284 -19.40 19.60 -19.63
C PRO A 284 -20.66 20.30 -19.09
N TYR A 285 -20.80 20.46 -17.78
CA TYR A 285 -21.88 21.28 -17.20
C TYR A 285 -21.99 22.66 -17.86
N PHE A 286 -20.86 23.21 -18.29
CA PHE A 286 -20.80 24.56 -18.88
C PHE A 286 -20.63 24.57 -20.40
N SER A 287 -20.78 23.41 -21.05
CA SER A 287 -20.44 23.33 -22.47
C SER A 287 -21.40 24.14 -23.36
N ASP A 288 -22.70 24.07 -23.05
CA ASP A 288 -23.72 24.74 -23.88
C ASP A 288 -24.13 26.03 -23.18
N PHE A 289 -23.13 26.89 -22.93
CA PHE A 289 -23.33 28.05 -22.10
C PHE A 289 -22.77 29.33 -22.71
N GLN B 1 23.12 30.69 7.69
CA GLN B 1 22.58 31.80 6.84
C GLN B 1 21.11 31.56 6.49
N ALA B 2 20.47 30.67 7.24
CA ALA B 2 19.10 30.26 6.99
C ALA B 2 18.30 30.52 8.25
N SER B 3 19.01 30.64 9.38
CA SER B 3 18.40 30.92 10.66
C SER B 3 17.84 32.34 10.68
N THR B 4 16.79 32.53 11.46
CA THR B 4 16.16 33.81 11.62
C THR B 4 17.14 34.85 12.15
N SER B 5 17.92 34.48 13.17
CA SER B 5 18.85 35.39 13.82
C SER B 5 19.87 35.95 12.84
N GLU B 6 20.33 35.11 11.91
CA GLU B 6 21.34 35.51 10.93
C GLU B 6 20.73 36.46 9.89
N LEU B 7 19.55 36.13 9.41
CA LEU B 7 18.85 36.96 8.42
C LEU B 7 18.46 38.31 9.01
N LEU B 8 18.10 38.31 10.30
CA LEU B 8 17.77 39.56 11.01
C LEU B 8 19.00 40.45 11.13
N ARG B 9 20.14 39.85 11.43
CA ARG B 9 21.41 40.57 11.46
C ARG B 9 21.76 41.12 10.06
N CYS B 10 21.52 40.33 9.02
CA CYS B 10 21.68 40.81 7.65
C CYS B 10 20.82 42.05 7.39
N LEU B 11 19.56 42.02 7.83
CA LEU B 11 18.66 43.13 7.63
C LEU B 11 19.17 44.36 8.39
N GLY B 12 19.65 44.15 9.62
CA GLY B 12 20.18 45.23 10.43
C GLY B 12 21.40 45.87 9.79
N GLU B 13 22.27 45.05 9.23
CA GLU B 13 23.48 45.56 8.57
C GLU B 13 23.11 46.34 7.30
N PHE B 14 22.09 45.85 6.61
CA PHE B 14 21.56 46.52 5.43
C PHE B 14 21.04 47.93 5.76
N LEU B 15 20.24 48.03 6.82
CA LEU B 15 19.65 49.32 7.21
C LEU B 15 20.71 50.34 7.61
N CYS B 16 21.76 49.88 8.32
CA CYS B 16 22.89 50.75 8.68
C CYS B 16 23.61 51.27 7.46
N ARG B 17 23.77 50.42 6.45
CA ARG B 17 24.44 50.81 5.21
C ARG B 17 23.54 51.74 4.38
N ARG B 18 22.25 51.41 4.31
CA ARG B 18 21.26 52.23 3.59
C ARG B 18 21.17 53.62 4.23
N CYS B 19 20.93 53.66 5.54
CA CYS B 19 20.70 54.91 6.25
C CYS B 19 21.98 55.57 6.75
N TYR B 20 22.75 56.07 5.79
CA TYR B 20 24.09 56.58 6.01
C TYR B 20 24.12 57.80 6.95
N ARG B 21 22.98 58.49 7.13
CA ARG B 21 22.94 59.69 8.00
C ARG B 21 22.92 59.36 9.48
N LEU B 22 22.61 58.10 9.79
CA LEU B 22 22.39 57.68 11.17
C LEU B 22 23.68 57.15 11.76
N LYS B 23 24.47 58.08 12.30
CA LYS B 23 25.84 57.78 12.68
C LYS B 23 25.93 56.86 13.89
N HIS B 24 24.88 56.87 14.71
CA HIS B 24 24.95 56.12 15.98
C HIS B 24 24.02 54.92 15.99
N LEU B 25 23.47 54.60 14.83
CA LEU B 25 22.62 53.42 14.69
C LEU B 25 23.45 52.14 14.82
N SER B 26 22.97 51.21 15.63
CA SER B 26 23.59 49.89 15.71
C SER B 26 22.84 48.90 14.80
N PRO B 27 23.55 47.98 14.13
CA PRO B 27 22.87 46.92 13.37
C PRO B 27 21.96 46.06 14.26
N THR B 28 22.23 45.96 15.56
CA THR B 28 21.31 45.26 16.46
C THR B 28 20.06 46.07 16.82
N ASP B 29 20.05 47.38 16.55
CA ASP B 29 18.86 48.18 16.90
C ASP B 29 17.58 47.74 16.18
N PRO B 30 17.62 47.58 14.86
CA PRO B 30 16.46 47.07 14.12
C PRO B 30 16.06 45.68 14.60
N VAL B 31 17.02 44.82 14.93
CA VAL B 31 16.74 43.49 15.48
C VAL B 31 15.97 43.59 16.82
N LEU B 32 16.47 44.42 17.74
CA LEU B 32 15.77 44.68 19.00
C LEU B 32 14.32 45.17 18.77
N TRP B 33 14.14 46.15 17.89
CA TRP B 33 12.80 46.68 17.61
C TRP B 33 11.85 45.61 17.08
N LEU B 34 12.33 44.77 16.17
CA LEU B 34 11.48 43.75 15.54
C LEU B 34 11.13 42.65 16.55
N ARG B 35 12.15 42.15 17.24
CA ARG B 35 11.95 41.09 18.22
C ARG B 35 11.00 41.56 19.32
N SER B 36 11.13 42.82 19.73
CA SER B 36 10.32 43.41 20.80
C SER B 36 8.82 43.36 20.46
N VAL B 37 8.50 43.78 19.24
CA VAL B 37 7.12 43.75 18.75
C VAL B 37 6.57 42.32 18.77
N ASP B 38 7.36 41.37 18.26
CA ASP B 38 6.95 39.97 18.13
C ASP B 38 6.73 39.33 19.51
N ARG B 39 7.64 39.62 20.43
CA ARG B 39 7.51 39.13 21.80
C ARG B 39 6.26 39.70 22.47
N SER B 40 6.03 41.00 22.30
CA SER B 40 4.88 41.66 22.89
C SER B 40 3.54 41.06 22.39
N LEU B 41 3.43 40.84 21.07
CA LEU B 41 2.22 40.27 20.50
C LEU B 41 1.96 38.88 21.04
N LEU B 42 3.04 38.12 21.24
CA LEU B 42 2.95 36.77 21.79
C LEU B 42 2.48 36.84 23.26
N LEU B 43 3.21 37.59 24.08
CA LEU B 43 2.90 37.66 25.50
C LEU B 43 1.50 38.21 25.75
N GLN B 44 1.07 39.14 24.91
CA GLN B 44 -0.21 39.80 25.14
C GLN B 44 -1.40 39.01 24.60
N GLY B 45 -1.13 37.93 23.87
CA GLY B 45 -2.16 37.00 23.44
C GLY B 45 -2.72 37.28 22.05
N TRP B 46 -2.02 38.10 21.27
CA TRP B 46 -2.47 38.43 19.92
C TRP B 46 -2.12 37.34 18.90
N GLN B 47 -1.17 36.48 19.28
CA GLN B 47 -0.72 35.38 18.44
C GLN B 47 -0.17 34.29 19.35
N ASP B 48 -0.23 33.04 18.87
CA ASP B 48 0.20 31.86 19.62
C ASP B 48 1.65 31.46 19.33
N GLN B 49 2.16 31.88 18.17
CA GLN B 49 3.55 31.64 17.75
C GLN B 49 4.11 32.94 17.19
N GLY B 50 5.45 33.05 17.14
CA GLY B 50 6.11 34.21 16.57
C GLY B 50 5.95 34.34 15.06
N PHE B 51 5.88 35.59 14.61
CA PHE B 51 5.77 35.90 13.20
C PHE B 51 7.15 35.89 12.55
N ILE B 52 8.17 36.21 13.34
CA ILE B 52 9.50 36.36 12.77
C ILE B 52 10.14 35.00 12.43
N THR B 53 10.15 34.68 11.14
CA THR B 53 10.68 33.43 10.60
C THR B 53 11.55 33.84 9.42
N PRO B 54 12.37 32.92 8.89
CA PRO B 54 13.24 33.24 7.75
C PRO B 54 12.46 33.83 6.58
N ALA B 55 11.34 33.22 6.18
CA ALA B 55 10.57 33.71 5.05
C ALA B 55 9.97 35.10 5.27
N ASN B 56 9.49 35.34 6.47
CA ASN B 56 8.88 36.63 6.80
C ASN B 56 9.89 37.75 6.88
N VAL B 57 11.11 37.42 7.28
CA VAL B 57 12.22 38.37 7.29
C VAL B 57 12.63 38.75 5.87
N VAL B 58 12.70 37.77 4.97
CA VAL B 58 12.90 38.02 3.54
C VAL B 58 11.79 38.95 2.98
N PHE B 59 10.54 38.65 3.32
CA PHE B 59 9.42 39.47 2.89
C PHE B 59 9.61 40.91 3.38
N LEU B 60 9.98 41.05 4.64
CA LEU B 60 10.17 42.35 5.25
C LEU B 60 11.29 43.11 4.56
N TYR B 61 12.38 42.39 4.28
CA TYR B 61 13.52 43.01 3.64
C TYR B 61 13.15 43.52 2.24
N MET B 62 12.36 42.74 1.51
CA MET B 62 11.86 43.17 0.21
C MET B 62 11.13 44.50 0.32
N LEU B 63 10.30 44.68 1.34
CA LEU B 63 9.67 45.97 1.55
C LEU B 63 10.71 47.07 1.86
N CYS B 64 11.57 46.81 2.83
CA CYS B 64 12.56 47.78 3.29
C CYS B 64 13.45 48.29 2.15
N ARG B 65 13.89 47.40 1.26
CA ARG B 65 14.83 47.78 0.21
C ARG B 65 14.24 48.83 -0.72
N ASP B 66 12.93 48.78 -0.93
CA ASP B 66 12.28 49.71 -1.83
C ASP B 66 11.71 50.93 -1.12
N VAL B 67 11.36 50.78 0.14
CA VAL B 67 10.61 51.82 0.86
C VAL B 67 11.50 52.76 1.70
N ILE B 68 12.57 52.22 2.29
CA ILE B 68 13.34 52.99 3.27
C ILE B 68 14.35 53.84 2.54
N SER B 69 14.19 55.15 2.65
CA SER B 69 15.05 56.10 1.95
C SER B 69 16.45 56.15 2.59
N SER B 70 17.47 56.29 1.75
CA SER B 70 18.83 56.53 2.24
C SER B 70 18.89 57.81 3.07
N GLU B 71 17.88 58.68 2.88
CA GLU B 71 17.85 60.00 3.49
C GLU B 71 17.10 60.12 4.83
N VAL B 72 16.62 58.99 5.36
CA VAL B 72 16.05 58.99 6.71
C VAL B 72 16.94 59.84 7.63
N GLY B 73 16.31 60.77 8.35
CA GLY B 73 17.07 61.77 9.11
C GLY B 73 17.35 61.49 10.57
N SER B 74 16.69 60.50 11.15
CA SER B 74 16.91 60.17 12.56
C SER B 74 16.66 58.69 12.79
N ASP B 75 17.18 58.15 13.90
CA ASP B 75 16.93 56.75 14.22
C ASP B 75 15.42 56.56 14.49
N HIS B 76 14.79 57.58 15.06
CA HIS B 76 13.36 57.52 15.32
C HIS B 76 12.57 57.33 14.02
N GLU B 77 12.93 58.10 13.00
CA GLU B 77 12.26 58.01 11.72
C GLU B 77 12.45 56.61 11.10
N LEU B 78 13.65 56.08 11.20
CA LEU B 78 13.89 54.73 10.73
C LEU B 78 13.00 53.72 11.43
N GLN B 79 12.94 53.81 12.76
CA GLN B 79 12.09 52.93 13.50
C GLN B 79 10.62 53.03 13.02
N ALA B 80 10.12 54.25 12.85
CA ALA B 80 8.72 54.44 12.43
C ALA B 80 8.46 53.83 11.05
N VAL B 81 9.38 54.03 10.10
CA VAL B 81 9.20 53.46 8.76
C VAL B 81 9.35 51.94 8.79
N LEU B 82 10.37 51.44 9.47
CA LEU B 82 10.59 50.00 9.59
C LEU B 82 9.34 49.31 10.18
N LEU B 83 8.76 49.93 11.21
CA LEU B 83 7.63 49.35 11.91
C LEU B 83 6.36 49.44 11.09
N THR B 84 6.26 50.46 10.26
CA THR B 84 5.20 50.50 9.27
C THR B 84 5.32 49.30 8.31
N CYS B 85 6.52 49.08 7.77
CA CYS B 85 6.77 47.91 6.93
C CYS B 85 6.48 46.59 7.68
N LEU B 86 6.82 46.55 8.96
CA LEU B 86 6.58 45.35 9.77
C LEU B 86 5.08 45.10 9.94
N TYR B 87 4.34 46.17 10.23
CA TYR B 87 2.91 46.10 10.39
C TYR B 87 2.22 45.59 9.12
N LEU B 88 2.64 46.10 7.96
CA LEU B 88 2.13 45.59 6.70
C LEU B 88 2.50 44.13 6.47
N SER B 89 3.66 43.71 6.98
CA SER B 89 4.09 42.31 6.83
C SER B 89 3.20 41.39 7.67
N TYR B 90 2.97 41.76 8.94
CA TYR B 90 2.03 40.99 9.77
C TYR B 90 0.65 40.94 9.11
N SER B 91 0.19 42.10 8.65
CA SER B 91 -1.14 42.20 8.06
C SER B 91 -1.30 41.30 6.83
N TYR B 92 -0.27 41.26 6.01
CA TYR B 92 -0.33 40.57 4.74
C TYR B 92 -0.02 39.07 4.87
N MET B 93 1.00 38.76 5.68
CA MET B 93 1.57 37.40 5.75
C MET B 93 1.29 36.65 7.06
N GLY B 94 0.76 37.34 8.07
CA GLY B 94 0.56 36.73 9.38
C GLY B 94 -0.62 35.76 9.42
N ASN B 95 -0.61 34.84 10.37
CA ASN B 95 -1.70 33.86 10.48
C ASN B 95 -2.91 34.32 11.29
N GLU B 96 -2.83 35.47 11.95
CA GLU B 96 -3.98 35.97 12.71
C GLU B 96 -4.82 36.88 11.82
N ILE B 97 -6.11 37.03 12.16
CA ILE B 97 -7.03 37.84 11.32
C ILE B 97 -6.57 39.29 11.29
N SER B 98 -6.10 39.76 12.43
CA SER B 98 -5.73 41.14 12.61
C SER B 98 -4.68 41.30 13.70
N TYR B 99 -4.04 42.48 13.69
CA TYR B 99 -3.03 42.82 14.68
C TYR B 99 -3.28 44.25 15.12
N PRO B 100 -3.01 44.53 16.40
CA PRO B 100 -3.22 45.88 16.96
C PRO B 100 -2.16 46.86 16.48
N LEU B 101 -2.52 48.14 16.48
CA LEU B 101 -1.60 49.19 16.09
C LEU B 101 -0.52 49.48 17.15
N LYS B 102 -0.92 49.46 18.42
CA LYS B 102 -0.06 49.93 19.51
C LYS B 102 1.47 49.58 19.41
N PRO B 103 1.84 48.31 19.24
CA PRO B 103 3.27 47.92 19.26
C PRO B 103 4.07 48.52 18.11
N PHE B 104 3.38 48.95 17.05
CA PHE B 104 4.03 49.43 15.85
C PHE B 104 4.13 50.94 15.81
N LEU B 105 3.46 51.61 16.74
CA LEU B 105 3.35 53.05 16.70
C LEU B 105 4.35 53.72 17.63
N VAL B 106 5.30 54.45 17.04
CA VAL B 106 6.29 55.18 17.85
C VAL B 106 6.24 56.69 17.59
N GLU B 107 5.29 57.10 16.76
CA GLU B 107 5.10 58.51 16.37
C GLU B 107 3.90 59.08 17.08
N SER B 108 3.89 60.39 17.27
CA SER B 108 2.77 61.07 17.89
C SER B 108 1.64 61.27 16.88
N CYS B 109 2.01 61.53 15.63
CA CYS B 109 1.05 61.76 14.57
C CYS B 109 0.58 60.46 13.93
N LYS B 110 -0.59 59.98 14.36
CA LYS B 110 -1.12 58.74 13.81
C LYS B 110 -1.43 58.83 12.31
N GLU B 111 -1.85 60.02 11.86
CA GLU B 111 -2.21 60.21 10.45
C GLU B 111 -1.03 59.96 9.51
N ALA B 112 0.18 60.28 9.97
CA ALA B 112 1.40 60.04 9.22
C ALA B 112 1.64 58.55 9.07
N PHE B 113 1.34 57.80 10.14
CA PHE B 113 1.45 56.35 10.09
C PHE B 113 0.54 55.77 8.99
N TRP B 114 -0.74 56.16 9.01
CA TRP B 114 -1.73 55.61 8.05
C TRP B 114 -1.40 56.03 6.62
N ASP B 115 -1.00 57.29 6.43
CA ASP B 115 -0.54 57.77 5.13
C ASP B 115 0.66 56.97 4.62
N ARG B 116 1.61 56.67 5.51
CA ARG B 116 2.75 55.82 5.15
C ARG B 116 2.31 54.42 4.74
N CYS B 117 1.37 53.82 5.47
CA CYS B 117 0.86 52.47 5.12
C CYS B 117 0.35 52.47 3.68
N LEU B 118 -0.45 53.47 3.36
CA LEU B 118 -1.11 53.54 2.06
C LEU B 118 -0.11 53.78 0.95
N SER B 119 0.88 54.62 1.22
CA SER B 119 1.96 54.89 0.28
C SER B 119 2.79 53.63 0.00
N VAL B 120 3.11 52.88 1.05
CA VAL B 120 3.88 51.64 0.88
C VAL B 120 3.06 50.63 0.07
N ILE B 121 1.78 50.50 0.40
CA ILE B 121 0.90 49.60 -0.33
C ILE B 121 0.80 50.00 -1.81
N ASN B 122 0.69 51.31 -2.08
CA ASN B 122 0.64 51.75 -3.48
C ASN B 122 1.93 51.40 -4.22
N LEU B 123 3.04 51.48 -3.51
CA LEU B 123 4.34 51.19 -4.12
C LEU B 123 4.58 49.67 -4.30
N MET B 124 4.19 48.90 -3.29
CA MET B 124 4.66 47.52 -3.15
C MET B 124 3.63 46.42 -3.38
N SER B 125 2.36 46.76 -3.60
CA SER B 125 1.32 45.71 -3.62
C SER B 125 1.62 44.59 -4.63
N SER B 126 2.15 44.96 -5.80
CA SER B 126 2.47 43.98 -6.83
C SER B 126 3.59 43.04 -6.38
N LYS B 127 4.66 43.61 -5.80
CA LYS B 127 5.80 42.81 -5.36
C LYS B 127 5.48 41.93 -4.15
N MET B 128 4.58 42.42 -3.30
CA MET B 128 4.09 41.64 -2.17
C MET B 128 3.42 40.35 -2.62
N LEU B 129 2.64 40.43 -3.69
CA LEU B 129 2.03 39.24 -4.27
C LEU B 129 3.05 38.42 -5.10
N GLN B 130 3.88 39.09 -5.89
CA GLN B 130 4.84 38.41 -6.75
C GLN B 130 5.87 37.56 -5.98
N ILE B 131 6.33 38.04 -4.82
CA ILE B 131 7.25 37.26 -3.99
C ILE B 131 6.63 35.95 -3.50
N ASN B 132 5.31 35.94 -3.35
CA ASN B 132 4.58 34.70 -3.08
C ASN B 132 4.40 33.84 -4.33
N ALA B 133 4.03 34.48 -5.43
CA ALA B 133 3.69 33.78 -6.68
C ALA B 133 4.89 33.24 -7.44
N ASP B 134 6.05 33.88 -7.28
CA ASP B 134 7.23 33.55 -8.07
C ASP B 134 8.38 33.06 -7.17
N PRO B 135 8.62 31.75 -7.15
CA PRO B 135 9.62 31.18 -6.23
C PRO B 135 11.03 31.69 -6.59
N HIS B 136 11.27 31.97 -7.87
CA HIS B 136 12.53 32.51 -8.35
C HIS B 136 12.81 33.90 -7.79
N TYR B 137 11.76 34.72 -7.72
CA TYR B 137 11.86 36.05 -7.14
C TYR B 137 12.14 35.96 -5.62
N PHE B 138 11.38 35.12 -4.92
CA PHE B 138 11.64 34.88 -3.51
C PHE B 138 13.10 34.46 -3.29
N THR B 139 13.59 33.52 -4.12
CA THR B 139 14.99 33.08 -4.04
C THR B 139 15.97 34.24 -4.25
N GLN B 140 15.70 35.07 -5.25
CA GLN B 140 16.53 36.25 -5.51
C GLN B 140 16.61 37.18 -4.30
N VAL B 141 15.46 37.45 -3.67
CA VAL B 141 15.39 38.32 -2.50
C VAL B 141 16.15 37.70 -1.31
N PHE B 142 15.97 36.40 -1.13
CA PHE B 142 16.62 35.66 -0.07
C PHE B 142 18.14 35.72 -0.24
N SER B 143 18.60 35.43 -1.46
CA SER B 143 20.02 35.53 -1.80
C SER B 143 20.56 36.94 -1.57
N ASP B 144 19.78 37.95 -1.97
CA ASP B 144 20.18 39.33 -1.76
C ASP B 144 20.32 39.65 -0.28
N LEU B 145 19.37 39.20 0.53
CA LEU B 145 19.44 39.45 1.97
C LEU B 145 20.71 38.82 2.57
N LYS B 146 20.96 37.55 2.23
CA LYS B 146 22.16 36.84 2.67
C LYS B 146 23.42 37.64 2.34
N ASN B 147 23.45 38.22 1.14
CA ASN B 147 24.64 38.94 0.68
C ASN B 147 24.78 40.33 1.30
N GLU B 148 23.81 40.71 2.14
CA GLU B 148 23.84 41.99 2.85
C GLU B 148 24.86 42.02 3.98
N SER B 149 25.31 40.83 4.40
CA SER B 149 26.28 40.72 5.47
C SER B 149 27.67 40.71 4.90
N LYS C 6 -13.84 -19.76 -4.86
CA LYS C 6 -13.55 -20.49 -3.59
C LYS C 6 -14.85 -21.03 -2.97
N LEU C 7 -15.16 -22.29 -3.27
CA LEU C 7 -16.40 -22.91 -2.80
C LEU C 7 -16.11 -23.88 -1.64
N GLU C 8 -16.63 -25.11 -1.71
CA GLU C 8 -16.58 -26.00 -0.56
C GLU C 8 -15.24 -26.70 -0.32
N LYS C 9 -14.91 -26.88 0.96
CA LYS C 9 -13.70 -27.60 1.36
C LYS C 9 -13.86 -29.09 1.06
N ILE C 10 -12.85 -29.67 0.43
CA ILE C 10 -12.85 -31.08 0.04
C ILE C 10 -11.59 -31.82 0.52
N GLY C 16 -1.47 -28.20 3.93
CA GLY C 16 -2.58 -27.28 3.73
C GLY C 16 -3.92 -27.98 3.49
N THR C 17 -4.92 -27.22 3.07
CA THR C 17 -6.28 -27.74 2.84
C THR C 17 -6.73 -27.51 1.39
N VAL C 18 -7.57 -28.42 0.88
CA VAL C 18 -7.96 -28.39 -0.52
C VAL C 18 -9.41 -27.95 -0.73
N PHE C 19 -9.63 -27.11 -1.74
CA PHE C 19 -10.94 -26.53 -2.04
C PHE C 19 -11.34 -26.76 -3.49
N LYS C 20 -12.63 -26.98 -3.72
CA LYS C 20 -13.21 -26.81 -5.04
C LYS C 20 -13.34 -25.30 -5.28
N ALA C 21 -12.84 -24.83 -6.41
CA ALA C 21 -12.82 -23.41 -6.72
C ALA C 21 -13.01 -23.15 -8.21
N GLU C 28 -13.16 -21.08 -11.39
CA GLU C 28 -13.01 -21.57 -12.77
C GLU C 28 -13.16 -23.10 -12.90
N ILE C 29 -13.58 -23.76 -11.82
CA ILE C 29 -13.69 -25.24 -11.69
C ILE C 29 -12.36 -26.01 -11.63
N VAL C 30 -11.62 -25.69 -10.57
CA VAL C 30 -10.32 -26.28 -10.32
C VAL C 30 -10.27 -26.73 -8.87
N ALA C 31 -9.24 -27.51 -8.51
CA ALA C 31 -8.99 -27.82 -7.12
C ALA C 31 -7.82 -27.00 -6.60
N LEU C 32 -8.03 -26.30 -5.49
CA LEU C 32 -7.00 -25.45 -4.91
C LEU C 32 -6.47 -26.04 -3.61
N LYS C 33 -5.15 -26.03 -3.46
CA LYS C 33 -4.50 -26.39 -2.20
C LYS C 33 -3.83 -25.16 -1.59
N ARG C 34 -4.43 -24.64 -0.52
CA ARG C 34 -3.88 -23.48 0.17
C ARG C 34 -2.85 -23.91 1.21
N VAL C 35 -1.66 -23.30 1.14
CA VAL C 35 -0.61 -23.54 2.13
C VAL C 35 -0.12 -22.20 2.70
N ARG C 36 -0.18 -22.04 4.02
CA ARG C 36 0.30 -20.81 4.63
C ARG C 36 1.78 -20.90 5.00
N PRO C 45 6.00 -25.31 5.24
CA PRO C 45 5.51 -25.98 4.03
C PRO C 45 6.65 -26.52 3.17
N SER C 46 7.75 -26.92 3.79
CA SER C 46 8.93 -27.43 3.09
C SER C 46 8.60 -28.48 2.03
N SER C 47 7.57 -29.28 2.31
CA SER C 47 7.09 -30.36 1.43
C SER C 47 6.31 -29.87 0.22
N ALA C 48 5.75 -28.66 0.31
CA ALA C 48 5.05 -28.04 -0.81
C ALA C 48 6.02 -27.72 -1.94
N LEU C 49 7.21 -27.27 -1.57
CA LEU C 49 8.24 -26.95 -2.55
C LEU C 49 8.64 -28.17 -3.37
N ARG C 50 8.82 -29.31 -2.71
CA ARG C 50 9.19 -30.53 -3.42
C ARG C 50 8.03 -31.14 -4.23
N GLU C 51 6.82 -31.04 -3.71
CA GLU C 51 5.64 -31.46 -4.47
C GLU C 51 5.52 -30.69 -5.79
N ILE C 52 5.66 -29.35 -5.74
CA ILE C 52 5.63 -28.53 -6.95
C ILE C 52 6.72 -29.02 -7.92
N CYS C 53 7.94 -29.17 -7.38
CA CYS C 53 9.10 -29.63 -8.17
C CYS C 53 8.80 -30.90 -8.94
N LEU C 54 8.18 -31.86 -8.26
CA LEU C 54 7.90 -33.17 -8.86
C LEU C 54 6.72 -33.10 -9.84
N LEU C 55 5.66 -32.41 -9.45
CA LEU C 55 4.47 -32.29 -10.30
C LEU C 55 4.77 -31.55 -11.59
N LYS C 56 5.62 -30.52 -11.49
CA LYS C 56 6.10 -29.78 -12.67
C LYS C 56 6.73 -30.69 -13.72
N GLU C 57 7.06 -31.92 -13.31
CA GLU C 57 7.79 -32.88 -14.15
C GLU C 57 7.00 -34.18 -14.38
N LEU C 58 5.75 -34.20 -13.92
CA LEU C 58 4.93 -35.40 -14.03
C LEU C 58 3.62 -35.12 -14.75
N LYS C 59 3.66 -35.21 -16.08
CA LYS C 59 2.48 -34.98 -16.92
C LYS C 59 2.01 -36.28 -17.54
N HIS C 60 0.82 -36.72 -17.14
CA HIS C 60 0.25 -37.99 -17.57
C HIS C 60 -1.25 -37.94 -17.28
N LYS C 61 -2.01 -38.62 -18.12
CA LYS C 61 -3.46 -38.61 -18.01
C LYS C 61 -3.99 -39.29 -16.73
N ASN C 62 -3.15 -40.07 -16.06
CA ASN C 62 -3.54 -40.73 -14.81
C ASN C 62 -2.87 -40.16 -13.57
N ILE C 63 -2.35 -38.95 -13.71
CA ILE C 63 -1.79 -38.19 -12.60
C ILE C 63 -2.50 -36.84 -12.59
N VAL C 64 -2.92 -36.39 -11.41
CA VAL C 64 -3.55 -35.09 -11.27
C VAL C 64 -2.65 -33.97 -11.84
N ARG C 65 -3.21 -33.13 -12.69
CA ARG C 65 -2.42 -32.08 -13.33
C ARG C 65 -2.29 -30.84 -12.46
N LEU C 66 -1.05 -30.37 -12.28
CA LEU C 66 -0.82 -29.06 -11.68
C LEU C 66 -0.84 -28.00 -12.78
N HIS C 67 -1.76 -27.04 -12.68
CA HIS C 67 -1.90 -25.99 -13.69
C HIS C 67 -1.13 -24.73 -13.36
N ASP C 68 -1.11 -24.35 -12.08
CA ASP C 68 -0.48 -23.11 -11.66
C ASP C 68 -0.04 -23.09 -10.20
N VAL C 69 0.89 -22.19 -9.90
CA VAL C 69 1.36 -21.95 -8.54
C VAL C 69 1.28 -20.46 -8.23
N LEU C 70 0.49 -20.11 -7.21
CA LEU C 70 0.32 -18.71 -6.83
C LEU C 70 0.94 -18.44 -5.47
N HIS C 71 1.77 -17.40 -5.42
CA HIS C 71 2.37 -16.93 -4.17
C HIS C 71 1.91 -15.50 -3.92
N SER C 72 0.65 -15.38 -3.49
CA SER C 72 0.06 -14.09 -3.14
C SER C 72 -0.05 -13.99 -1.62
N ASP C 73 0.07 -12.78 -1.08
CA ASP C 73 -0.03 -12.57 0.37
C ASP C 73 1.13 -13.30 1.07
N LYS C 74 0.82 -14.24 1.96
CA LYS C 74 1.82 -15.10 2.61
C LYS C 74 1.31 -16.53 2.46
N LYS C 75 0.43 -16.70 1.49
CA LYS C 75 -0.25 -17.95 1.21
C LYS C 75 0.30 -18.53 -0.09
N LEU C 76 0.61 -19.82 -0.06
CA LEU C 76 1.03 -20.55 -1.26
C LEU C 76 -0.13 -21.39 -1.73
N THR C 77 -0.55 -21.17 -2.97
CA THR C 77 -1.65 -21.95 -3.52
C THR C 77 -1.19 -22.77 -4.71
N LEU C 78 -1.49 -24.07 -4.66
CA LEU C 78 -1.30 -24.95 -5.81
C LEU C 78 -2.63 -25.07 -6.52
N VAL C 79 -2.64 -24.85 -7.83
CA VAL C 79 -3.86 -24.99 -8.62
C VAL C 79 -3.82 -26.29 -9.41
N PHE C 80 -4.72 -27.22 -9.08
CA PHE C 80 -4.82 -28.50 -9.78
C PHE C 80 -6.06 -28.55 -10.66
N GLU C 81 -6.08 -29.50 -11.59
CA GLU C 81 -7.31 -29.86 -12.28
C GLU C 81 -8.30 -30.38 -11.25
N PHE C 82 -9.59 -30.15 -11.47
CA PHE C 82 -10.61 -30.66 -10.57
C PHE C 82 -11.09 -32.02 -11.06
N CYS C 83 -11.20 -32.96 -10.11
CA CYS C 83 -11.79 -34.26 -10.34
C CYS C 83 -13.06 -34.40 -9.51
N ASP C 84 -14.01 -35.17 -10.04
CA ASP C 84 -15.37 -35.22 -9.51
C ASP C 84 -15.47 -35.77 -8.10
N GLN C 85 -14.73 -36.84 -7.82
CA GLN C 85 -14.74 -37.48 -6.51
C GLN C 85 -13.48 -38.29 -6.26
N ASP C 86 -13.35 -38.82 -5.04
CA ASP C 86 -12.31 -39.81 -4.77
C ASP C 86 -12.90 -41.23 -4.69
N LEU C 87 -12.02 -42.22 -4.55
CA LEU C 87 -12.44 -43.63 -4.55
C LEU C 87 -13.23 -43.98 -3.30
N LYS C 88 -12.94 -43.29 -2.20
CA LYS C 88 -13.70 -43.43 -0.96
C LYS C 88 -15.17 -43.07 -1.16
N LYS C 89 -15.42 -41.90 -1.74
CA LYS C 89 -16.77 -41.48 -2.04
C LYS C 89 -17.40 -42.41 -3.09
N TYR C 90 -16.59 -42.82 -4.05
CA TYR C 90 -17.07 -43.72 -5.09
C TYR C 90 -17.66 -45.00 -4.49
N PHE C 91 -16.88 -45.65 -3.62
CA PHE C 91 -17.35 -46.83 -2.86
C PHE C 91 -18.69 -46.59 -2.15
N ASP C 92 -18.80 -45.47 -1.42
CA ASP C 92 -20.05 -45.13 -0.74
C ASP C 92 -21.21 -44.88 -1.71
N SER C 93 -20.88 -44.49 -2.93
CA SER C 93 -21.92 -44.14 -3.90
C SER C 93 -22.51 -45.38 -4.58
N CYS C 94 -21.85 -46.53 -4.44
CA CYS C 94 -22.31 -47.74 -5.12
C CYS C 94 -22.28 -48.97 -4.23
N ASN C 95 -22.45 -48.75 -2.92
CA ASN C 95 -22.56 -49.85 -1.97
C ASN C 95 -21.28 -50.67 -1.87
N GLY C 96 -20.14 -50.04 -2.16
CA GLY C 96 -18.86 -50.72 -2.24
C GLY C 96 -18.80 -51.87 -3.24
N ASP C 97 -19.74 -51.86 -4.18
CA ASP C 97 -19.99 -52.99 -5.07
C ASP C 97 -19.72 -52.63 -6.53
N LEU C 98 -18.51 -52.90 -6.99
CA LEU C 98 -18.08 -52.57 -8.34
C LEU C 98 -18.27 -53.76 -9.25
N ASP C 99 -18.68 -53.48 -10.49
CA ASP C 99 -18.65 -54.48 -11.54
C ASP C 99 -17.19 -54.87 -11.80
N PRO C 100 -16.91 -56.16 -11.95
CA PRO C 100 -15.52 -56.61 -12.19
C PRO C 100 -14.83 -55.91 -13.37
N GLU C 101 -15.56 -55.35 -14.33
CA GLU C 101 -14.89 -54.62 -15.41
C GLU C 101 -14.41 -53.22 -14.98
N ILE C 102 -15.09 -52.61 -14.01
CA ILE C 102 -14.65 -51.35 -13.44
C ILE C 102 -13.48 -51.59 -12.46
N VAL C 103 -13.53 -52.71 -11.75
CA VAL C 103 -12.40 -53.11 -10.90
C VAL C 103 -11.13 -53.15 -11.75
N LYS C 104 -11.25 -53.81 -12.90
CA LYS C 104 -10.12 -53.97 -13.82
C LYS C 104 -9.68 -52.63 -14.40
N SER C 105 -10.65 -51.81 -14.81
CA SER C 105 -10.35 -50.48 -15.32
C SER C 105 -9.60 -49.61 -14.32
N PHE C 106 -10.08 -49.57 -13.07
CA PHE C 106 -9.50 -48.72 -12.05
C PHE C 106 -8.06 -49.15 -11.74
N LEU C 107 -7.84 -50.46 -11.65
CA LEU C 107 -6.50 -50.98 -11.34
C LEU C 107 -5.54 -50.70 -12.48
N PHE C 108 -6.00 -50.96 -13.71
CA PHE C 108 -5.21 -50.67 -14.90
C PHE C 108 -4.74 -49.25 -14.89
N GLN C 109 -5.66 -48.32 -14.64
CA GLN C 109 -5.37 -46.89 -14.66
C GLN C 109 -4.45 -46.47 -13.53
N LEU C 110 -4.69 -47.01 -12.33
CA LEU C 110 -3.78 -46.80 -11.21
C LEU C 110 -2.35 -47.24 -11.56
N LEU C 111 -2.22 -48.44 -12.12
CA LEU C 111 -0.90 -48.95 -12.49
C LEU C 111 -0.23 -48.14 -13.59
N LYS C 112 -1.02 -47.65 -14.56
CA LYS C 112 -0.50 -46.78 -15.61
C LYS C 112 0.08 -45.50 -15.02
N GLY C 113 -0.65 -44.87 -14.11
CA GLY C 113 -0.19 -43.67 -13.44
C GLY C 113 1.02 -43.94 -12.56
N LEU C 114 0.91 -44.98 -11.75
CA LEU C 114 2.00 -45.41 -10.89
C LEU C 114 3.28 -45.78 -11.66
N GLY C 115 3.14 -46.64 -12.67
CA GLY C 115 4.23 -46.99 -13.58
C GLY C 115 4.90 -45.80 -14.22
N PHE C 116 4.13 -44.74 -14.51
CA PHE C 116 4.71 -43.51 -15.05
C PHE C 116 5.61 -42.80 -14.02
N CYS C 117 5.11 -42.66 -12.78
CA CYS C 117 5.89 -42.08 -11.69
C CYS C 117 7.22 -42.82 -11.51
N HIS C 118 7.12 -44.14 -11.31
CA HIS C 118 8.28 -45.01 -11.13
C HIS C 118 9.31 -44.89 -12.27
N SER C 119 8.80 -44.89 -13.50
CA SER C 119 9.65 -44.73 -14.67
C SER C 119 10.33 -43.35 -14.71
N ARG C 120 9.82 -42.39 -13.97
CA ARG C 120 10.44 -41.06 -13.91
C ARG C 120 11.23 -40.85 -12.62
N ASN C 121 11.48 -41.94 -11.90
CA ASN C 121 12.20 -41.95 -10.62
C ASN C 121 11.53 -41.21 -9.47
N VAL C 122 10.21 -41.37 -9.36
CA VAL C 122 9.44 -40.72 -8.31
C VAL C 122 8.67 -41.80 -7.55
N LEU C 123 8.79 -41.78 -6.23
CA LEU C 123 7.97 -42.62 -5.36
C LEU C 123 6.81 -41.79 -4.88
N HIS C 124 5.60 -42.38 -4.85
CA HIS C 124 4.42 -41.65 -4.39
C HIS C 124 4.30 -41.70 -2.86
N ARG C 125 4.32 -42.90 -2.28
CA ARG C 125 4.41 -43.08 -0.83
C ARG C 125 3.16 -42.63 -0.05
N ASP C 126 2.03 -42.46 -0.74
CA ASP C 126 0.78 -42.17 -0.03
C ASP C 126 -0.44 -42.70 -0.77
N LEU C 127 -0.32 -43.89 -1.36
CA LEU C 127 -1.44 -44.46 -2.07
C LEU C 127 -2.49 -44.90 -1.06
N LYS C 128 -3.70 -44.39 -1.26
CA LYS C 128 -4.88 -44.71 -0.45
C LYS C 128 -6.08 -44.21 -1.25
N PRO C 129 -7.27 -44.77 -1.01
CA PRO C 129 -8.48 -44.39 -1.75
C PRO C 129 -8.72 -42.88 -1.87
N GLN C 130 -8.43 -42.12 -0.82
CA GLN C 130 -8.70 -40.67 -0.85
C GLN C 130 -7.76 -39.92 -1.80
N ASN C 131 -6.67 -40.57 -2.17
CA ASN C 131 -5.72 -39.97 -3.11
C ASN C 131 -5.91 -40.54 -4.53
N LEU C 132 -6.99 -41.28 -4.73
CA LEU C 132 -7.32 -41.79 -6.06
C LEU C 132 -8.60 -41.10 -6.49
N LEU C 133 -8.48 -40.25 -7.50
CA LEU C 133 -9.60 -39.45 -7.99
C LEU C 133 -10.28 -40.08 -9.19
N ILE C 134 -11.61 -40.01 -9.19
CA ILE C 134 -12.44 -40.65 -10.21
C ILE C 134 -13.35 -39.60 -10.88
N ASN C 135 -13.30 -39.54 -12.21
CA ASN C 135 -14.15 -38.65 -13.00
C ASN C 135 -15.38 -39.37 -13.50
N ARG C 136 -16.40 -38.59 -13.85
CA ARG C 136 -17.67 -39.11 -14.38
C ARG C 136 -17.49 -40.04 -15.58
N ASN C 137 -16.54 -39.74 -16.48
CA ASN C 137 -16.30 -40.62 -17.62
C ASN C 137 -15.56 -41.92 -17.29
N GLY C 138 -15.09 -42.04 -16.05
CA GLY C 138 -14.45 -43.25 -15.58
C GLY C 138 -12.92 -43.21 -15.57
N GLU C 139 -12.36 -42.02 -15.75
CA GLU C 139 -10.91 -41.80 -15.64
C GLU C 139 -10.46 -41.76 -14.18
N LEU C 140 -9.37 -42.47 -13.88
CA LEU C 140 -8.80 -42.49 -12.54
C LEU C 140 -7.48 -41.75 -12.56
N LYS C 141 -7.27 -40.89 -11.57
CA LYS C 141 -6.05 -40.11 -11.49
C LYS C 141 -5.45 -40.21 -10.11
N LEU C 142 -4.13 -40.38 -10.08
CA LEU C 142 -3.41 -40.44 -8.85
C LEU C 142 -3.15 -39.00 -8.40
N ALA C 143 -3.44 -38.71 -7.13
CA ALA C 143 -3.29 -37.35 -6.62
C ALA C 143 -2.50 -37.31 -5.32
N ASN C 144 -2.25 -36.11 -4.82
CA ASN C 144 -1.61 -35.87 -3.53
C ASN C 144 -0.17 -36.38 -3.45
N PHE C 145 0.75 -35.57 -3.93
CA PHE C 145 2.15 -35.92 -3.96
C PHE C 145 2.90 -35.23 -2.81
N GLY C 146 2.19 -35.01 -1.70
CA GLY C 146 2.78 -34.40 -0.53
C GLY C 146 3.90 -35.24 0.10
N LEU C 147 3.83 -36.55 -0.11
CA LEU C 147 4.78 -37.46 0.50
C LEU C 147 5.75 -38.03 -0.56
N ALA C 148 5.54 -37.65 -1.81
CA ALA C 148 6.37 -38.11 -2.92
C ALA C 148 7.80 -37.57 -2.86
N ARG C 149 8.71 -38.31 -3.46
CA ARG C 149 10.08 -37.85 -3.60
C ARG C 149 10.78 -38.54 -4.77
N ALA C 150 11.84 -37.92 -5.26
CA ALA C 150 12.69 -38.53 -6.27
C ALA C 150 13.53 -39.63 -5.61
N PHE C 151 13.90 -40.63 -6.39
CA PHE C 151 14.88 -41.63 -5.96
C PHE C 151 15.89 -41.87 -7.09
N GLY C 152 17.08 -42.35 -6.76
CA GLY C 152 18.06 -42.66 -7.81
C GLY C 152 19.50 -42.39 -7.48
N ILE C 153 19.85 -41.11 -7.23
CA ILE C 153 21.16 -40.78 -6.68
C ILE C 153 21.32 -41.74 -5.52
N PRO C 154 22.39 -42.53 -5.51
CA PRO C 154 22.70 -43.37 -4.36
C PRO C 154 22.54 -42.54 -3.09
N VAL C 155 21.50 -42.82 -2.30
CA VAL C 155 21.12 -41.98 -1.18
C VAL C 155 21.36 -42.70 0.13
N ARG C 156 21.73 -41.94 1.16
CA ARG C 156 21.92 -42.51 2.49
C ARG C 156 20.70 -43.35 2.86
N CYS C 157 19.52 -42.70 2.89
CA CYS C 157 18.32 -43.34 3.40
C CYS C 157 17.05 -42.53 3.13
N TYR C 158 15.92 -43.18 3.39
CA TYR C 158 14.60 -42.63 3.21
C TYR C 158 13.89 -42.69 4.55
N SER C 159 12.92 -41.80 4.76
CA SER C 159 12.11 -41.83 5.97
C SER C 159 11.19 -43.05 5.94
N ALA C 160 11.01 -43.70 7.08
CA ALA C 160 10.04 -44.80 7.17
C ALA C 160 8.68 -44.25 7.66
N GLU C 161 8.62 -42.95 7.90
CA GLU C 161 7.37 -42.29 8.31
C GLU C 161 6.58 -41.84 7.08
N VAL C 162 6.28 -42.79 6.21
CA VAL C 162 5.56 -42.56 4.98
C VAL C 162 4.44 -43.61 4.84
N VAL C 163 3.43 -43.26 4.06
CA VAL C 163 2.23 -44.09 3.78
C VAL C 163 1.27 -44.18 4.98
N THR C 164 0.01 -43.88 4.74
CA THR C 164 -1.03 -44.05 5.77
C THR C 164 -0.95 -45.48 6.28
N LEU C 165 -1.12 -45.66 7.59
CA LEU C 165 -0.86 -46.95 8.23
C LEU C 165 -1.47 -48.16 7.49
N TRP C 166 -2.74 -48.05 7.15
CA TRP C 166 -3.47 -49.18 6.58
C TRP C 166 -2.90 -49.67 5.24
N TYR C 167 -2.16 -48.81 4.55
CA TYR C 167 -1.58 -49.14 3.24
C TYR C 167 -0.06 -49.30 3.27
N ARG C 168 0.51 -49.20 4.47
CA ARG C 168 1.99 -49.26 4.60
C ARG C 168 2.50 -50.72 4.57
N PRO C 169 3.52 -51.01 3.76
CA PRO C 169 4.01 -52.40 3.66
C PRO C 169 4.82 -52.83 4.88
N PRO C 170 4.92 -54.14 5.12
CA PRO C 170 5.60 -54.65 6.32
C PRO C 170 7.09 -54.27 6.47
N ASP C 171 7.84 -54.11 5.38
CA ASP C 171 9.23 -53.66 5.54
C ASP C 171 9.29 -52.27 6.17
N VAL C 172 8.41 -51.37 5.71
CA VAL C 172 8.37 -50.01 6.20
C VAL C 172 7.81 -49.98 7.62
N LEU C 173 6.81 -50.83 7.90
CA LEU C 173 6.32 -50.98 9.27
C LEU C 173 7.42 -51.42 10.24
N PHE C 174 8.36 -52.22 9.72
CA PHE C 174 9.55 -52.64 10.44
C PHE C 174 10.67 -51.58 10.35
N GLY C 175 10.33 -50.37 9.87
CA GLY C 175 11.26 -49.25 9.86
C GLY C 175 12.28 -49.21 8.73
N ALA C 176 12.05 -49.93 7.63
CA ALA C 176 12.96 -49.88 6.47
C ALA C 176 13.28 -48.44 6.05
N LYS C 177 14.57 -48.16 5.87
CA LYS C 177 15.03 -46.84 5.42
C LYS C 177 15.55 -46.91 3.97
N LEU C 178 15.62 -48.12 3.45
CA LEU C 178 15.96 -48.34 2.07
C LEU C 178 14.81 -49.18 1.55
N TYR C 179 13.97 -48.54 0.73
CA TYR C 179 12.94 -49.20 -0.06
C TYR C 179 12.95 -48.55 -1.43
N SER C 180 12.29 -49.21 -2.40
CA SER C 180 12.19 -48.76 -3.76
C SER C 180 10.72 -48.58 -4.15
N THR C 181 10.46 -48.69 -5.45
CA THR C 181 9.12 -48.64 -6.01
C THR C 181 8.18 -49.68 -5.44
N SER C 182 8.75 -50.70 -4.79
CA SER C 182 7.97 -51.74 -4.13
C SER C 182 7.01 -51.18 -3.09
N ILE C 183 7.35 -50.03 -2.51
CA ILE C 183 6.51 -49.44 -1.45
C ILE C 183 5.10 -49.16 -1.96
N ASP C 184 5.02 -48.59 -3.15
CA ASP C 184 3.74 -48.25 -3.74
C ASP C 184 3.00 -49.48 -4.26
N MET C 185 3.74 -50.53 -4.63
CA MET C 185 3.11 -51.75 -5.16
C MET C 185 2.32 -52.51 -4.10
N TRP C 186 2.80 -52.47 -2.86
CA TRP C 186 2.05 -53.05 -1.76
C TRP C 186 0.72 -52.30 -1.58
N SER C 187 0.81 -50.98 -1.50
CA SER C 187 -0.40 -50.15 -1.39
C SER C 187 -1.37 -50.40 -2.53
N ALA C 188 -0.85 -50.55 -3.75
CA ALA C 188 -1.67 -50.92 -4.90
C ALA C 188 -2.41 -52.25 -4.67
N GLY C 189 -1.70 -53.25 -4.14
CA GLY C 189 -2.32 -54.52 -3.77
C GLY C 189 -3.44 -54.35 -2.76
N CYS C 190 -3.20 -53.55 -1.73
CA CYS C 190 -4.27 -53.27 -0.73
C CYS C 190 -5.52 -52.67 -1.38
N ILE C 191 -5.31 -51.71 -2.28
CA ILE C 191 -6.43 -51.06 -2.96
C ILE C 191 -7.18 -52.04 -3.86
N PHE C 192 -6.43 -52.86 -4.59
CA PHE C 192 -7.00 -53.92 -5.42
C PHE C 192 -7.94 -54.80 -4.60
N ALA C 193 -7.53 -55.17 -3.39
CA ALA C 193 -8.38 -56.02 -2.54
C ALA C 193 -9.73 -55.35 -2.19
N GLU C 194 -9.72 -54.03 -2.03
CA GLU C 194 -10.94 -53.30 -1.72
C GLU C 194 -11.87 -53.23 -2.94
N LEU C 195 -11.24 -52.96 -4.08
CA LEU C 195 -11.92 -52.88 -5.37
C LEU C 195 -12.68 -54.18 -5.59
N ALA C 196 -12.00 -55.29 -5.32
CA ALA C 196 -12.43 -56.64 -5.69
C ALA C 196 -13.24 -57.36 -4.62
N ASN C 197 -13.69 -56.62 -3.61
CA ASN C 197 -14.58 -57.20 -2.62
C ASN C 197 -15.77 -56.31 -2.36
N ALA C 198 -15.66 -55.49 -1.30
CA ALA C 198 -16.76 -54.65 -0.85
C ALA C 198 -16.27 -53.25 -0.47
N GLY C 199 -15.08 -52.91 -0.98
CA GLY C 199 -14.49 -51.58 -0.82
C GLY C 199 -14.04 -51.24 0.62
N ARG C 200 -13.80 -52.27 1.44
CA ARG C 200 -13.32 -52.06 2.79
C ARG C 200 -11.82 -52.35 2.90
N PRO C 201 -11.09 -51.55 3.70
CA PRO C 201 -9.65 -51.80 3.89
C PRO C 201 -9.38 -53.24 4.34
N LEU C 202 -8.37 -53.84 3.73
CA LEU C 202 -8.04 -55.24 4.02
C LEU C 202 -7.36 -55.34 5.39
N PHE C 203 -6.57 -54.33 5.72
CA PHE C 203 -5.77 -54.35 6.94
C PHE C 203 -5.96 -53.07 7.75
N PRO C 204 -7.09 -52.90 8.42
CA PRO C 204 -7.32 -51.67 9.21
C PRO C 204 -6.69 -51.71 10.61
N GLY C 205 -5.36 -51.67 10.68
CA GLY C 205 -4.66 -51.73 11.94
C GLY C 205 -4.88 -50.50 12.82
N ASN C 206 -4.81 -50.71 14.13
CA ASN C 206 -4.95 -49.66 15.13
C ASN C 206 -3.65 -48.91 15.39
N ASP C 207 -2.53 -49.57 15.10
CA ASP C 207 -1.19 -49.02 15.29
C ASP C 207 -0.22 -49.94 14.52
N VAL C 208 1.08 -49.61 14.55
CA VAL C 208 2.07 -50.37 13.78
C VAL C 208 2.08 -51.86 14.14
N ASP C 209 2.06 -52.17 15.44
CA ASP C 209 2.12 -53.54 15.88
C ASP C 209 0.89 -54.31 15.40
N ASP C 210 -0.27 -53.70 15.55
CA ASP C 210 -1.52 -54.31 15.15
C ASP C 210 -1.58 -54.45 13.61
N GLN C 211 -1.00 -53.48 12.92
CA GLN C 211 -0.96 -53.50 11.47
C GLN C 211 -0.18 -54.73 10.98
N LEU C 212 0.98 -54.95 11.57
CA LEU C 212 1.81 -56.11 11.22
C LEU C 212 1.08 -57.43 11.51
N LYS C 213 0.38 -57.47 12.64
CA LYS C 213 -0.36 -58.68 13.04
C LYS C 213 -1.48 -59.03 12.05
N ARG C 214 -2.22 -58.00 11.63
CA ARG C 214 -3.31 -58.19 10.68
C ARG C 214 -2.81 -58.70 9.35
N ILE C 215 -1.70 -58.13 8.86
CA ILE C 215 -1.06 -58.60 7.63
C ILE C 215 -0.64 -60.07 7.74
N PHE C 216 0.08 -60.40 8.82
CA PHE C 216 0.63 -61.74 9.01
C PHE C 216 -0.45 -62.78 9.29
N ARG C 217 -1.51 -62.35 9.97
CA ARG C 217 -2.68 -63.19 10.21
C ARG C 217 -3.30 -63.70 8.91
N LEU C 218 -3.36 -62.85 7.89
CA LEU C 218 -3.98 -63.25 6.63
C LEU C 218 -2.99 -63.99 5.73
N LEU C 219 -1.83 -63.38 5.52
CA LEU C 219 -0.87 -63.88 4.55
C LEU C 219 0.03 -64.96 5.11
N GLY C 220 0.04 -65.08 6.44
CA GLY C 220 1.02 -65.91 7.12
C GLY C 220 2.25 -65.09 7.48
N THR C 221 2.85 -65.38 8.63
CA THR C 221 4.09 -64.73 9.05
C THR C 221 5.22 -65.20 8.15
N PRO C 222 5.93 -64.27 7.52
CA PRO C 222 7.07 -64.62 6.68
C PRO C 222 8.22 -65.23 7.47
N THR C 223 8.88 -66.23 6.88
CA THR C 223 10.06 -66.84 7.46
C THR C 223 11.31 -66.16 6.92
N GLU C 224 12.45 -66.47 7.54
CA GLU C 224 13.77 -66.08 7.04
C GLU C 224 14.00 -66.63 5.64
N GLU C 225 13.35 -67.77 5.35
CA GLU C 225 13.48 -68.43 4.05
C GLU C 225 12.82 -67.56 2.99
N GLN C 226 11.65 -67.03 3.30
CA GLN C 226 10.93 -66.21 2.34
C GLN C 226 11.46 -64.77 2.27
N TRP C 227 11.97 -64.28 3.40
CA TRP C 227 12.35 -62.87 3.52
C TRP C 227 13.60 -62.75 4.40
N PRO C 228 14.75 -63.10 3.84
CA PRO C 228 15.99 -63.13 4.64
C PRO C 228 16.36 -61.78 5.23
N SER C 229 16.03 -60.67 4.58
CA SER C 229 16.51 -59.38 5.10
C SER C 229 15.64 -58.75 6.20
N MET C 230 14.50 -59.39 6.47
CA MET C 230 13.54 -59.01 7.50
C MET C 230 14.22 -58.73 8.87
N THR C 231 15.08 -59.65 9.31
CA THR C 231 15.73 -59.54 10.63
C THR C 231 16.73 -58.38 10.73
N LYS C 232 17.05 -57.75 9.61
CA LYS C 232 18.01 -56.64 9.61
C LYS C 232 17.36 -55.26 9.54
N LEU C 233 16.04 -55.24 9.53
CA LEU C 233 15.32 -53.98 9.50
C LEU C 233 15.45 -53.28 10.85
N PRO C 234 15.53 -51.96 10.83
CA PRO C 234 15.73 -51.15 12.05
C PRO C 234 14.81 -51.45 13.24
N ASP C 235 13.55 -51.77 12.99
CA ASP C 235 12.59 -52.01 14.06
C ASP C 235 12.04 -53.43 14.08
N TYR C 236 12.79 -54.36 13.49
CA TYR C 236 12.39 -55.74 13.46
C TYR C 236 12.29 -56.31 14.87
N LYS C 237 11.19 -57.02 15.12
CA LYS C 237 11.07 -57.91 16.27
C LYS C 237 10.26 -59.15 15.85
N PRO C 238 10.50 -60.29 16.52
CA PRO C 238 9.79 -61.54 16.19
C PRO C 238 8.29 -61.44 16.39
N TYR C 239 7.54 -61.92 15.40
CA TYR C 239 6.09 -62.03 15.50
C TYR C 239 5.70 -63.51 15.65
N PRO C 240 4.50 -63.76 16.17
CA PRO C 240 3.95 -65.12 16.23
C PRO C 240 3.88 -65.71 14.82
N MET C 241 4.06 -67.01 14.71
CA MET C 241 4.01 -67.68 13.42
C MET C 241 2.58 -68.04 13.03
N TYR C 242 1.91 -67.12 12.34
CA TYR C 242 0.57 -67.38 11.84
C TYR C 242 0.65 -68.22 10.55
N PRO C 243 -0.20 -69.25 10.45
CA PRO C 243 -0.24 -70.09 9.24
C PRO C 243 -0.61 -69.28 7.98
N ALA C 244 0.12 -69.58 6.91
CA ALA C 244 0.03 -68.83 5.65
C ALA C 244 -1.05 -69.34 4.73
N THR C 245 -1.46 -70.59 4.93
CA THR C 245 -2.39 -71.27 4.02
C THR C 245 -3.81 -70.72 4.17
N THR C 246 -3.98 -69.46 3.78
CA THR C 246 -5.27 -68.80 3.79
C THR C 246 -5.55 -68.28 2.38
N SER C 247 -6.15 -69.16 1.56
CA SER C 247 -6.54 -68.83 0.19
C SER C 247 -7.31 -67.53 0.12
N LEU C 248 -7.17 -66.82 -0.99
CA LEU C 248 -7.67 -65.46 -1.12
C LEU C 248 -9.06 -65.35 -1.75
N VAL C 249 -9.65 -66.48 -2.12
CA VAL C 249 -10.98 -66.51 -2.77
C VAL C 249 -11.98 -65.66 -1.99
N ASN C 250 -12.10 -65.92 -0.69
CA ASN C 250 -13.05 -65.22 0.17
C ASN C 250 -12.69 -63.75 0.45
N VAL C 251 -11.42 -63.41 0.30
CA VAL C 251 -10.97 -62.03 0.47
C VAL C 251 -11.37 -61.19 -0.74
N VAL C 252 -11.32 -61.81 -1.92
CA VAL C 252 -11.58 -61.11 -3.19
C VAL C 252 -12.51 -61.94 -4.09
N PRO C 253 -13.78 -62.08 -3.70
CA PRO C 253 -14.74 -62.89 -4.46
C PRO C 253 -14.98 -62.41 -5.89
N LYS C 254 -14.69 -61.13 -6.20
CA LYS C 254 -14.94 -60.62 -7.56
C LYS C 254 -13.92 -61.15 -8.54
N LEU C 255 -12.84 -61.72 -8.01
CA LEU C 255 -11.70 -62.13 -8.80
C LEU C 255 -11.68 -63.61 -9.13
N ASN C 256 -11.33 -63.87 -10.39
CA ASN C 256 -11.05 -65.19 -10.92
C ASN C 256 -9.66 -65.64 -10.48
N ALA C 257 -9.26 -66.85 -10.85
CA ALA C 257 -7.92 -67.36 -10.54
C ALA C 257 -6.79 -66.42 -10.99
N THR C 258 -6.96 -65.83 -12.18
CA THR C 258 -5.97 -64.94 -12.76
C THR C 258 -5.83 -63.66 -11.95
N GLY C 259 -6.96 -63.07 -11.59
CA GLY C 259 -6.96 -61.88 -10.76
C GLY C 259 -6.33 -62.10 -9.39
N ARG C 260 -6.63 -63.26 -8.78
CA ARG C 260 -6.06 -63.60 -7.49
C ARG C 260 -4.54 -63.74 -7.60
N ASP C 261 -4.07 -64.28 -8.73
CA ASP C 261 -2.65 -64.40 -8.96
C ASP C 261 -1.97 -63.02 -8.97
N LEU C 262 -2.54 -62.07 -9.69
CA LEU C 262 -2.00 -60.71 -9.66
C LEU C 262 -1.97 -60.13 -8.24
N LEU C 263 -3.06 -60.32 -7.50
CA LEU C 263 -3.17 -59.82 -6.13
C LEU C 263 -2.09 -60.41 -5.23
N GLN C 264 -1.89 -61.73 -5.30
CA GLN C 264 -0.85 -62.43 -4.53
C GLN C 264 0.55 -61.87 -4.82
N ASN C 265 0.78 -61.47 -6.08
CA ASN C 265 2.07 -60.94 -6.51
C ASN C 265 2.29 -59.47 -6.12
N LEU C 266 1.22 -58.79 -5.74
CA LEU C 266 1.31 -57.43 -5.18
C LEU C 266 1.50 -57.46 -3.67
N LEU C 267 0.76 -58.35 -3.00
CA LEU C 267 0.80 -58.47 -1.55
C LEU C 267 1.86 -59.47 -1.08
N LYS C 268 3.12 -59.24 -1.44
CA LYS C 268 4.25 -60.00 -0.91
C LYS C 268 4.93 -59.24 0.19
N CYS C 269 5.11 -59.87 1.36
CA CYS C 269 5.74 -59.17 2.48
C CYS C 269 7.15 -58.72 2.11
N ASN C 270 7.91 -59.62 1.47
CA ASN C 270 9.27 -59.32 1.02
C ASN C 270 9.12 -58.37 -0.18
N PRO C 271 9.54 -57.10 -0.03
CA PRO C 271 9.34 -56.09 -1.09
C PRO C 271 9.95 -56.54 -2.42
N VAL C 272 11.04 -57.29 -2.35
CA VAL C 272 11.73 -57.80 -3.55
C VAL C 272 10.83 -58.70 -4.42
N GLN C 273 9.87 -59.37 -3.78
CA GLN C 273 8.99 -60.32 -4.45
C GLN C 273 7.74 -59.62 -5.03
N ARG C 274 7.56 -58.34 -4.71
CA ARG C 274 6.42 -57.61 -5.26
C ARG C 274 6.55 -57.33 -6.76
N ILE C 275 5.49 -57.63 -7.51
CA ILE C 275 5.50 -57.34 -8.95
C ILE C 275 5.65 -55.83 -9.17
N SER C 276 6.34 -55.43 -10.23
CA SER C 276 6.42 -54.01 -10.58
C SER C 276 5.13 -53.54 -11.28
N ALA C 277 4.93 -52.23 -11.35
CA ALA C 277 3.79 -51.68 -12.09
C ALA C 277 3.82 -52.06 -13.58
N GLU C 278 4.99 -51.97 -14.22
CA GLU C 278 5.15 -52.33 -15.63
C GLU C 278 4.82 -53.81 -15.83
N GLU C 279 5.36 -54.68 -14.96
CA GLU C 279 5.07 -56.11 -15.03
C GLU C 279 3.60 -56.40 -14.76
N ALA C 280 3.01 -55.70 -13.81
CA ALA C 280 1.58 -55.85 -13.48
C ALA C 280 0.66 -55.54 -14.68
N LEU C 281 1.05 -54.56 -15.48
CA LEU C 281 0.25 -54.17 -16.65
C LEU C 281 0.27 -55.23 -17.74
N GLN C 282 1.33 -56.06 -17.76
CA GLN C 282 1.45 -57.15 -18.72
C GLN C 282 0.86 -58.47 -18.22
N HIS C 283 0.37 -58.47 -16.98
CA HIS C 283 -0.23 -59.66 -16.37
C HIS C 283 -1.47 -60.10 -17.16
N PRO C 284 -1.69 -61.41 -17.29
CA PRO C 284 -2.84 -61.92 -18.05
C PRO C 284 -4.20 -61.44 -17.51
N TYR C 285 -4.22 -60.87 -16.30
CA TYR C 285 -5.43 -60.25 -15.78
C TYR C 285 -5.93 -59.19 -16.77
N PHE C 286 -4.99 -58.50 -17.42
CA PHE C 286 -5.32 -57.43 -18.37
C PHE C 286 -5.31 -57.86 -19.84
N SER C 287 -5.20 -59.16 -20.10
CA SER C 287 -4.97 -59.66 -21.48
C SER C 287 -6.04 -59.26 -22.50
N ASP C 288 -7.27 -59.04 -22.05
CA ASP C 288 -8.37 -58.73 -22.96
C ASP C 288 -9.34 -57.72 -22.30
N GLN D 1 38.12 -37.28 -5.34
CA GLN D 1 38.15 -36.70 -3.97
C GLN D 1 36.73 -36.63 -3.39
N ALA D 2 36.23 -37.81 -3.01
CA ALA D 2 34.84 -37.97 -2.55
C ALA D 2 34.65 -37.77 -1.04
N SER D 3 35.36 -36.78 -0.49
CA SER D 3 35.19 -36.39 0.90
C SER D 3 34.18 -35.26 1.00
N THR D 4 33.34 -35.32 2.03
CA THR D 4 32.36 -34.26 2.29
C THR D 4 33.07 -32.94 2.63
N SER D 5 34.12 -33.00 3.45
CA SER D 5 34.96 -31.85 3.76
C SER D 5 35.57 -31.23 2.49
N GLU D 6 36.09 -32.09 1.62
CA GLU D 6 36.73 -31.67 0.37
C GLU D 6 35.78 -31.00 -0.62
N LEU D 7 34.62 -31.60 -0.85
CA LEU D 7 33.65 -31.09 -1.82
C LEU D 7 33.10 -29.72 -1.39
N LEU D 8 32.95 -29.53 -0.08
CA LEU D 8 32.57 -28.24 0.50
C LEU D 8 33.62 -27.17 0.20
N ARG D 9 34.90 -27.54 0.35
CA ARG D 9 36.03 -26.65 0.04
C ARG D 9 35.99 -26.22 -1.42
N CYS D 10 35.54 -27.13 -2.28
CA CYS D 10 35.39 -26.88 -3.72
C CYS D 10 34.26 -25.90 -4.01
N LEU D 11 33.17 -26.01 -3.23
CA LEU D 11 32.03 -25.09 -3.34
C LEU D 11 32.38 -23.69 -2.86
N GLY D 12 33.14 -23.62 -1.76
CA GLY D 12 33.64 -22.35 -1.23
C GLY D 12 34.53 -21.64 -2.23
N GLU D 13 35.31 -22.41 -2.99
CA GLU D 13 36.16 -21.88 -4.05
C GLU D 13 35.35 -21.35 -5.22
N PHE D 14 34.26 -22.05 -5.56
CA PHE D 14 33.37 -21.64 -6.64
C PHE D 14 32.68 -20.30 -6.36
N LEU D 15 32.19 -20.15 -5.13
CA LEU D 15 31.51 -18.92 -4.71
C LEU D 15 32.46 -17.73 -4.61
N CYS D 16 33.77 -18.01 -4.51
CA CYS D 16 34.79 -16.97 -4.49
C CYS D 16 35.20 -16.54 -5.91
N ARG D 17 35.00 -17.45 -6.87
CA ARG D 17 35.26 -17.16 -8.28
C ARG D 17 34.06 -16.46 -8.92
N ARG D 18 32.86 -17.00 -8.66
CA ARG D 18 31.61 -16.47 -9.19
C ARG D 18 31.31 -15.06 -8.67
N CYS D 19 31.36 -14.90 -7.34
CA CYS D 19 31.16 -13.59 -6.70
C CYS D 19 32.50 -12.86 -6.58
N TYR D 20 33.00 -12.38 -7.73
CA TYR D 20 34.28 -11.69 -7.78
C TYR D 20 34.25 -10.29 -7.19
N ARG D 21 33.05 -9.71 -7.11
CA ARG D 21 32.85 -8.36 -6.56
C ARG D 21 33.18 -8.28 -5.06
N LEU D 22 33.24 -9.43 -4.41
CA LEU D 22 33.55 -9.51 -2.98
C LEU D 22 35.00 -9.93 -2.71
N LYS D 23 35.83 -8.94 -2.37
CA LYS D 23 37.24 -9.18 -2.07
C LYS D 23 37.45 -9.82 -0.70
N HIS D 24 36.77 -9.28 0.32
CA HIS D 24 36.87 -9.78 1.69
C HIS D 24 36.15 -11.12 1.88
N LEU D 25 36.17 -11.95 0.85
CA LEU D 25 35.53 -13.26 0.89
C LEU D 25 36.55 -14.39 0.77
N SER D 26 36.62 -15.22 1.82
CA SER D 26 37.50 -16.37 1.87
C SER D 26 36.72 -17.65 1.56
N PRO D 27 37.38 -18.67 1.00
CA PRO D 27 36.70 -19.93 0.64
C PRO D 27 36.09 -20.70 1.82
N THR D 28 36.56 -20.41 3.03
CA THR D 28 36.05 -21.07 4.24
C THR D 28 34.81 -20.38 4.82
N ASP D 29 34.53 -19.16 4.35
CA ASP D 29 33.34 -18.41 4.80
C ASP D 29 32.01 -19.08 4.40
N PRO D 30 31.83 -19.41 3.12
CA PRO D 30 30.62 -20.12 2.68
C PRO D 30 30.46 -21.46 3.40
N VAL D 31 31.56 -22.20 3.53
CA VAL D 31 31.59 -23.47 4.25
C VAL D 31 31.04 -23.32 5.67
N LEU D 32 31.52 -22.30 6.38
CA LEU D 32 31.11 -22.04 7.76
C LEU D 32 29.62 -21.82 7.92
N TRP D 33 29.02 -21.08 6.99
CA TRP D 33 27.58 -20.80 7.01
C TRP D 33 26.77 -22.09 6.90
N LEU D 34 27.20 -22.97 6.00
CA LEU D 34 26.52 -24.24 5.74
C LEU D 34 26.63 -25.22 6.92
N ARG D 35 27.83 -25.32 7.48
CA ARG D 35 28.09 -26.17 8.64
C ARG D 35 27.29 -25.72 9.87
N SER D 36 27.09 -24.42 10.01
CA SER D 36 26.36 -23.83 11.15
C SER D 36 24.85 -24.07 11.08
N VAL D 37 24.31 -24.12 9.86
CA VAL D 37 22.90 -24.43 9.63
C VAL D 37 22.64 -25.93 9.94
N ASP D 38 23.45 -26.79 9.34
CA ASP D 38 23.42 -28.23 9.60
C ASP D 38 23.55 -28.57 11.09
N ARG D 39 24.48 -27.88 11.76
CA ARG D 39 24.73 -28.08 13.20
C ARG D 39 23.57 -27.61 14.07
N SER D 40 22.93 -26.52 13.66
CA SER D 40 21.80 -25.95 14.40
C SER D 40 20.58 -26.87 14.36
N LEU D 41 20.34 -27.47 13.19
CA LEU D 41 19.25 -28.42 13.00
C LEU D 41 19.43 -29.68 13.85
N LEU D 42 20.68 -30.11 14.01
CA LEU D 42 21.03 -31.23 14.87
C LEU D 42 20.82 -30.91 16.35
N LEU D 43 21.20 -29.70 16.75
CA LEU D 43 21.11 -29.28 18.15
C LEU D 43 19.70 -28.90 18.58
N GLN D 44 18.94 -28.29 17.68
CA GLN D 44 17.54 -27.94 17.95
C GLN D 44 16.67 -29.19 17.99
N GLY D 45 17.03 -30.19 17.18
CA GLY D 45 16.36 -31.48 17.16
C GLY D 45 15.44 -31.69 15.97
N TRP D 46 15.77 -31.05 14.84
CA TRP D 46 14.98 -31.17 13.62
C TRP D 46 15.45 -32.32 12.72
N GLN D 47 16.59 -32.92 13.06
CA GLN D 47 17.12 -34.10 12.35
C GLN D 47 18.09 -34.89 13.22
N ASP D 48 18.09 -36.22 13.03
CA ASP D 48 18.99 -37.12 13.78
C ASP D 48 20.40 -37.13 13.21
N GLN D 49 20.51 -36.96 11.90
CA GLN D 49 21.79 -36.99 11.19
C GLN D 49 21.96 -35.76 10.31
N GLY D 50 23.21 -35.40 10.05
CA GLY D 50 23.53 -34.28 9.19
C GLY D 50 23.07 -34.46 7.76
N PHE D 51 22.68 -33.37 7.11
CA PHE D 51 22.26 -33.39 5.72
C PHE D 51 23.44 -33.21 4.78
N ILE D 52 24.49 -32.56 5.26
CA ILE D 52 25.66 -32.30 4.43
C ILE D 52 26.44 -33.59 4.18
N THR D 53 26.28 -34.10 2.97
CA THR D 53 26.97 -35.31 2.49
C THR D 53 27.55 -35.00 1.11
N PRO D 54 28.43 -35.87 0.60
CA PRO D 54 28.94 -35.72 -0.77
C PRO D 54 27.83 -35.45 -1.81
N ALA D 55 26.83 -36.32 -1.86
CA ALA D 55 25.76 -36.23 -2.87
C ALA D 55 24.98 -34.91 -2.78
N ASN D 56 24.65 -34.49 -1.56
CA ASN D 56 23.87 -33.27 -1.35
C ASN D 56 24.67 -31.99 -1.59
N VAL D 57 25.96 -32.01 -1.25
CA VAL D 57 26.85 -30.89 -1.59
C VAL D 57 26.87 -30.71 -3.11
N VAL D 58 26.90 -31.83 -3.83
CA VAL D 58 26.84 -31.83 -5.30
C VAL D 58 25.51 -31.26 -5.77
N PHE D 59 24.41 -31.75 -5.20
CA PHE D 59 23.07 -31.22 -5.49
C PHE D 59 23.02 -29.70 -5.28
N LEU D 60 23.50 -29.24 -4.13
CA LEU D 60 23.55 -27.81 -3.81
C LEU D 60 24.33 -27.00 -4.85
N TYR D 61 25.47 -27.55 -5.28
CA TYR D 61 26.33 -26.92 -6.27
C TYR D 61 25.65 -26.78 -7.62
N MET D 62 24.92 -27.83 -8.03
CA MET D 62 24.14 -27.82 -9.28
C MET D 62 23.17 -26.63 -9.28
N LEU D 63 22.50 -26.44 -8.13
CA LEU D 63 21.59 -25.31 -7.93
C LEU D 63 22.34 -23.98 -7.94
N CYS D 64 23.41 -23.91 -7.15
CA CYS D 64 24.17 -22.68 -6.94
C CYS D 64 24.75 -22.07 -8.22
N ARG D 65 25.13 -22.93 -9.17
CA ARG D 65 25.82 -22.49 -10.38
C ARG D 65 24.95 -21.74 -11.39
N ASP D 66 23.64 -22.02 -11.40
CA ASP D 66 22.73 -21.40 -12.36
C ASP D 66 21.93 -20.25 -11.74
N VAL D 67 21.96 -20.15 -10.42
CA VAL D 67 21.14 -19.20 -9.68
C VAL D 67 21.92 -17.96 -9.23
N ILE D 68 23.04 -18.19 -8.55
CA ILE D 68 23.87 -17.09 -8.05
C ILE D 68 24.53 -16.33 -9.19
N SER D 69 24.23 -15.03 -9.27
CA SER D 69 24.82 -14.15 -10.27
C SER D 69 26.14 -13.57 -9.76
N SER D 70 26.97 -13.11 -10.70
CA SER D 70 28.20 -12.40 -10.38
C SER D 70 27.90 -10.99 -9.88
N GLU D 71 26.61 -10.62 -9.93
CA GLU D 71 26.13 -9.30 -9.52
C GLU D 71 26.12 -9.10 -8.01
N VAL D 72 26.45 -10.15 -7.26
CA VAL D 72 26.50 -10.09 -5.80
C VAL D 72 27.72 -9.31 -5.33
N GLY D 73 27.48 -8.15 -4.72
CA GLY D 73 28.54 -7.29 -4.24
C GLY D 73 28.58 -7.13 -2.73
N SER D 74 27.76 -7.91 -2.03
CA SER D 74 27.71 -7.85 -0.57
C SER D 74 27.66 -9.24 0.03
N ASP D 75 28.35 -9.41 1.16
CA ASP D 75 28.34 -10.66 1.93
C ASP D 75 26.93 -11.02 2.38
N HIS D 76 26.12 -9.98 2.60
CA HIS D 76 24.72 -10.12 3.00
C HIS D 76 23.89 -10.82 1.93
N GLU D 77 24.05 -10.41 0.67
CA GLU D 77 23.26 -10.95 -0.44
C GLU D 77 23.59 -12.41 -0.78
N LEU D 78 24.88 -12.76 -0.76
CA LEU D 78 25.30 -14.14 -1.06
C LEU D 78 24.80 -15.13 -0.02
N GLN D 79 24.91 -14.74 1.25
CA GLN D 79 24.40 -15.53 2.37
C GLN D 79 22.90 -15.82 2.21
N ALA D 80 22.20 -14.87 1.60
CA ALA D 80 20.76 -14.99 1.36
C ALA D 80 20.40 -15.97 0.24
N VAL D 81 21.16 -15.95 -0.85
CA VAL D 81 20.90 -16.84 -1.98
C VAL D 81 21.41 -18.26 -1.71
N LEU D 82 22.60 -18.37 -1.10
CA LEU D 82 23.20 -19.67 -0.79
C LEU D 82 22.31 -20.52 0.12
N LEU D 83 21.75 -19.89 1.15
CA LEU D 83 20.87 -20.56 2.09
C LEU D 83 19.51 -20.92 1.46
N THR D 84 19.04 -20.05 0.55
CA THR D 84 17.84 -20.31 -0.26
C THR D 84 18.00 -21.62 -1.02
N CYS D 85 19.11 -21.75 -1.74
CA CYS D 85 19.45 -22.97 -2.47
C CYS D 85 19.60 -24.18 -1.53
N LEU D 86 20.13 -23.92 -0.34
CA LEU D 86 20.30 -24.95 0.68
C LEU D 86 18.96 -25.41 1.24
N TYR D 87 18.02 -24.46 1.38
CA TYR D 87 16.68 -24.78 1.84
C TYR D 87 15.96 -25.70 0.86
N LEU D 88 16.07 -25.39 -0.44
CA LEU D 88 15.47 -26.24 -1.47
C LEU D 88 16.15 -27.59 -1.52
N SER D 89 17.46 -27.60 -1.27
CA SER D 89 18.21 -28.84 -1.15
C SER D 89 17.68 -29.72 -0.04
N TYR D 90 17.47 -29.13 1.14
CA TYR D 90 16.91 -29.85 2.28
C TYR D 90 15.50 -30.34 1.96
N SER D 91 14.74 -29.51 1.25
CA SER D 91 13.32 -29.77 0.98
C SER D 91 13.11 -30.90 -0.02
N TYR D 92 13.94 -30.94 -1.05
CA TYR D 92 13.80 -31.92 -2.13
C TYR D 92 14.47 -33.26 -1.81
N MET D 93 15.56 -33.21 -1.05
CA MET D 93 16.44 -34.36 -0.86
C MET D 93 16.47 -34.88 0.57
N GLY D 94 16.04 -34.05 1.51
CA GLY D 94 16.14 -34.36 2.92
C GLY D 94 15.33 -35.55 3.40
N ASN D 95 15.78 -36.17 4.49
CA ASN D 95 15.09 -37.31 5.10
C ASN D 95 13.84 -36.84 5.85
N GLU D 96 13.95 -35.67 6.47
CA GLU D 96 12.79 -35.07 7.12
C GLU D 96 11.86 -34.62 6.01
N ILE D 97 10.56 -34.80 6.25
CA ILE D 97 9.55 -34.47 5.26
C ILE D 97 9.32 -32.96 5.20
N SER D 98 9.56 -32.28 6.33
CA SER D 98 9.49 -30.81 6.40
C SER D 98 10.65 -30.19 7.21
N TYR D 99 10.96 -28.91 6.92
CA TYR D 99 12.12 -28.22 7.52
C TYR D 99 11.76 -26.78 7.95
N PRO D 100 12.43 -26.27 9.00
CA PRO D 100 12.13 -24.93 9.52
C PRO D 100 12.75 -23.80 8.70
N LEU D 101 12.38 -22.56 9.01
CA LEU D 101 12.79 -21.41 8.20
C LEU D 101 13.90 -20.58 8.85
N LYS D 102 13.76 -20.32 10.16
CA LYS D 102 14.62 -19.37 10.88
C LYS D 102 16.14 -19.57 10.75
N PRO D 103 16.64 -20.82 10.86
CA PRO D 103 18.06 -21.09 10.58
C PRO D 103 18.50 -20.79 9.14
N PHE D 104 17.55 -20.65 8.21
CA PHE D 104 17.86 -20.36 6.81
C PHE D 104 17.64 -18.88 6.47
N LEU D 105 16.99 -18.16 7.37
CA LEU D 105 16.61 -16.76 7.13
C LEU D 105 17.64 -15.76 7.64
N VAL D 106 18.22 -15.00 6.71
CA VAL D 106 19.16 -13.94 7.05
C VAL D 106 18.61 -12.56 6.71
N GLU D 107 17.59 -12.54 5.83
CA GLU D 107 16.86 -11.33 5.48
C GLU D 107 15.78 -11.02 6.53
N SER D 108 15.17 -9.86 6.41
CA SER D 108 14.00 -9.50 7.23
C SER D 108 12.72 -9.80 6.45
N CYS D 109 12.79 -9.62 5.14
CA CYS D 109 11.66 -9.88 4.25
C CYS D 109 11.49 -11.37 3.96
N LYS D 110 10.34 -11.92 4.37
CA LYS D 110 10.06 -13.35 4.23
C LYS D 110 9.51 -13.72 2.84
N GLU D 111 8.67 -12.86 2.28
CA GLU D 111 8.09 -13.09 0.95
C GLU D 111 9.16 -13.14 -0.14
N ALA D 112 10.27 -12.42 0.07
CA ALA D 112 11.41 -12.43 -0.84
C ALA D 112 12.11 -13.78 -0.85
N PHE D 113 12.09 -14.46 0.30
CA PHE D 113 12.69 -15.78 0.42
C PHE D 113 11.87 -16.85 -0.30
N TRP D 114 10.56 -16.83 -0.10
CA TRP D 114 9.65 -17.80 -0.71
C TRP D 114 9.53 -17.63 -2.23
N ASP D 115 9.42 -16.38 -2.67
CA ASP D 115 9.31 -16.06 -4.09
C ASP D 115 10.53 -16.55 -4.90
N ARG D 116 11.70 -16.44 -4.29
CA ARG D 116 12.93 -16.90 -4.93
C ARG D 116 13.06 -18.42 -4.89
N CYS D 117 12.51 -19.04 -3.84
CA CYS D 117 12.41 -20.51 -3.78
C CYS D 117 11.65 -21.01 -5.01
N LEU D 118 10.55 -20.33 -5.33
CA LEU D 118 9.73 -20.62 -6.51
C LEU D 118 10.49 -20.43 -7.81
N SER D 119 11.17 -19.28 -7.95
CA SER D 119 11.94 -18.97 -9.15
C SER D 119 12.99 -20.04 -9.47
N VAL D 120 13.73 -20.45 -8.44
CA VAL D 120 14.74 -21.49 -8.59
C VAL D 120 14.10 -22.82 -8.99
N ILE D 121 12.95 -23.12 -8.36
CA ILE D 121 12.14 -24.29 -8.73
C ILE D 121 11.72 -24.24 -10.20
N ASN D 122 11.18 -23.09 -10.62
CA ASN D 122 10.71 -22.92 -11.99
C ASN D 122 11.80 -23.11 -13.04
N LEU D 123 13.05 -22.88 -12.62
CA LEU D 123 14.21 -23.04 -13.49
C LEU D 123 14.83 -24.44 -13.36
N MET D 124 14.98 -24.90 -12.12
CA MET D 124 15.81 -26.08 -11.84
C MET D 124 15.04 -27.39 -11.66
N SER D 125 13.72 -27.34 -11.64
CA SER D 125 12.90 -28.54 -11.35
C SER D 125 13.24 -29.72 -12.25
N SER D 126 13.55 -29.42 -13.51
CA SER D 126 13.95 -30.43 -14.48
C SER D 126 15.28 -31.08 -14.06
N LYS D 127 16.26 -30.24 -13.75
CA LYS D 127 17.61 -30.70 -13.39
C LYS D 127 17.63 -31.42 -12.05
N MET D 128 16.79 -30.96 -11.12
CA MET D 128 16.68 -31.53 -9.78
C MET D 128 16.26 -33.00 -9.82
N LEU D 129 15.40 -33.36 -10.76
CA LEU D 129 14.98 -34.74 -10.98
C LEU D 129 16.02 -35.56 -11.75
N GLN D 130 16.52 -34.97 -12.84
CA GLN D 130 17.51 -35.60 -13.72
C GLN D 130 18.72 -36.09 -12.95
N ILE D 131 19.26 -35.25 -12.05
CA ILE D 131 20.42 -35.62 -11.26
C ILE D 131 20.17 -36.89 -10.45
N ASN D 132 18.93 -37.03 -9.96
CA ASN D 132 18.52 -38.25 -9.27
C ASN D 132 18.34 -39.42 -10.26
N ALA D 133 17.71 -39.15 -11.40
CA ALA D 133 17.33 -40.21 -12.34
C ALA D 133 18.46 -40.69 -13.25
N ASP D 134 19.54 -39.92 -13.33
CA ASP D 134 20.60 -40.17 -14.30
C ASP D 134 21.98 -40.16 -13.63
N PRO D 135 22.51 -41.35 -13.35
CA PRO D 135 23.78 -41.48 -12.62
C PRO D 135 24.96 -40.86 -13.36
N HIS D 136 24.88 -40.81 -14.68
CA HIS D 136 25.92 -40.20 -15.51
C HIS D 136 25.93 -38.67 -15.39
N TYR D 137 24.74 -38.08 -15.32
CA TYR D 137 24.60 -36.63 -15.12
C TYR D 137 25.07 -36.21 -13.73
N PHE D 138 24.75 -37.02 -12.72
CA PHE D 138 25.23 -36.78 -11.37
C PHE D 138 26.77 -36.75 -11.35
N THR D 139 27.39 -37.69 -12.07
CA THR D 139 28.85 -37.78 -12.19
C THR D 139 29.44 -36.52 -12.82
N GLN D 140 28.77 -36.00 -13.84
CA GLN D 140 29.21 -34.80 -14.55
C GLN D 140 29.25 -33.60 -13.61
N VAL D 141 28.17 -33.39 -12.85
CA VAL D 141 28.09 -32.30 -11.88
C VAL D 141 29.16 -32.44 -10.79
N PHE D 142 29.34 -33.67 -10.31
CA PHE D 142 30.39 -34.01 -9.36
C PHE D 142 31.76 -33.63 -9.93
N SER D 143 31.99 -34.00 -11.19
CA SER D 143 33.22 -33.66 -11.90
C SER D 143 33.42 -32.14 -12.00
N ASP D 144 32.36 -31.42 -12.35
CA ASP D 144 32.40 -29.96 -12.47
C ASP D 144 32.84 -29.29 -11.17
N LEU D 145 32.32 -29.78 -10.05
CA LEU D 145 32.64 -29.24 -8.73
C LEU D 145 34.11 -29.47 -8.34
N LYS D 146 34.65 -30.62 -8.75
CA LYS D 146 36.05 -30.95 -8.54
C LYS D 146 36.98 -30.03 -9.36
N ASN D 147 36.46 -29.53 -10.47
CA ASN D 147 37.18 -28.60 -11.35
C ASN D 147 37.34 -27.20 -10.78
N GLU D 148 36.71 -26.95 -9.62
CA GLU D 148 36.76 -25.66 -8.96
C GLU D 148 37.94 -25.51 -7.98
N SER D 149 38.78 -26.54 -7.91
CA SER D 149 40.02 -26.49 -7.13
C SER D 149 41.23 -26.67 -8.03
CLA 3O0 E . -15.28 -36.15 -2.13
NAA 3O0 E . -7.61 -32.39 -7.95
CAC 3O0 E . -6.45 -35.01 -1.93
CAD 3O0 E . -6.83 -34.58 -3.21
CAE 3O0 E . -6.14 -33.53 -3.82
CAF 3O0 E . -6.52 -33.02 -5.20
CAG 3O0 E . -7.97 -33.07 -5.68
CAH 3O0 E . -8.43 -32.77 -6.97
NAI 3O0 E . -9.76 -32.91 -7.15
CAJ 3O0 E . -13.87 -34.03 -5.19
CAK 3O0 E . -14.72 -34.64 -4.28
CAL 3O0 E . -14.20 -35.40 -3.25
CAM 3O0 E . -5.38 -34.42 -1.27
CAN 3O0 E . -4.70 -33.37 -1.89
CAO 3O0 E . -5.07 -32.94 -3.16
OAP 3O0 E . -5.64 -32.58 -5.93
SAQ 3O0 E . -9.31 -33.52 -4.76
CAR 3O0 E . -10.42 -33.32 -6.05
NAS 3O0 E . -11.75 -33.52 -6.02
CAT 3O0 E . -12.48 -34.15 -5.09
CAU 3O0 E . -11.95 -34.91 -4.04
CAV 3O0 E . -12.80 -35.54 -3.12
OAW 3O0 E . -3.29 -33.09 0.03
NAX 3O0 E . -3.67 -32.77 -1.32
OAY 3O0 E . -2.91 -31.83 -2.06
#